data_7PBW
#
_entry.id   7PBW
#
_cell.length_a   1.00
_cell.length_b   1.00
_cell.length_c   1.00
_cell.angle_alpha   90.00
_cell.angle_beta   90.00
_cell.angle_gamma   90.00
#
_symmetry.space_group_name_H-M   'P 1'
#
loop_
_entity.id
_entity.type
_entity.pdbx_description
1 polymer 'Light-harvesting protein B-800/850 alpha chain'
2 polymer 'Light-harvesting protein B-800/850 beta chain'
3 non-polymer 'BACTERIOCHLOROPHYLL A'
4 non-polymer SPHEROIDENE
5 non-polymer 'LAURYL DIMETHYLAMINE-N-OXIDE'
6 non-polymer 'CALCIUM ION'
7 water water
#
loop_
_entity_poly.entity_id
_entity_poly.type
_entity_poly.pdbx_seq_one_letter_code
_entity_poly.pdbx_strand_id
1 'polypeptide(L)' (CXM)TNGKIWLVVKPTVGVPLFLSAAVIASVVIHAAVLTTTTWLPAYYQGSAA AA,AB,AC,AD,AE,AF,AG,AH,AI
2 'polypeptide(L)' LNKVWPSGLTVAEAEEVHKQLILGTRVFGGMALIAHFLAAAATPWLG BA,BB,BC,BD,BE,BF,BG,BH,BI
#
# COMPACT_ATOMS: atom_id res chain seq x y z
N THR A 2 -34.33 1.98 1.48
CA THR A 2 -34.67 1.58 2.84
C THR A 2 -33.49 1.44 3.80
N ASN A 3 -32.27 1.66 3.29
CA ASN A 3 -31.05 1.40 4.05
C ASN A 3 -30.50 2.63 4.76
N GLY A 4 -31.28 3.71 4.88
CA GLY A 4 -30.76 4.97 5.38
C GLY A 4 -30.18 4.92 6.79
N LYS A 5 -30.60 3.94 7.61
CA LYS A 5 -29.99 3.75 8.93
C LYS A 5 -28.54 3.31 8.89
N ILE A 6 -27.99 2.94 7.73
CA ILE A 6 -26.56 2.65 7.65
C ILE A 6 -25.71 3.79 8.21
N TRP A 7 -26.16 5.02 8.03
CA TRP A 7 -25.43 6.19 8.54
C TRP A 7 -25.62 6.43 10.04
N LEU A 8 -26.34 5.56 10.75
CA LEU A 8 -26.29 5.57 12.20
C LEU A 8 -25.06 4.85 12.75
N VAL A 9 -24.53 3.88 12.00
CA VAL A 9 -23.46 3.02 12.49
C VAL A 9 -22.23 3.04 11.60
N VAL A 10 -22.33 3.61 10.39
CA VAL A 10 -21.17 3.96 9.58
C VAL A 10 -21.04 5.47 9.57
N LYS A 11 -19.84 5.95 9.83
CA LYS A 11 -19.55 7.38 9.74
C LYS A 11 -19.59 7.82 8.28
N PRO A 12 -20.41 8.82 7.92
CA PRO A 12 -20.44 9.29 6.53
C PRO A 12 -19.09 9.78 6.02
N THR A 13 -18.26 10.36 6.87
CA THR A 13 -16.94 10.80 6.42
C THR A 13 -16.04 9.64 6.05
N VAL A 14 -16.38 8.41 6.45
CA VAL A 14 -15.75 7.21 5.93
C VAL A 14 -16.52 6.68 4.73
N GLY A 15 -17.82 6.44 4.91
CA GLY A 15 -18.58 5.68 3.94
C GLY A 15 -18.89 6.41 2.65
N VAL A 16 -19.13 7.71 2.71
CA VAL A 16 -19.44 8.48 1.51
C VAL A 16 -18.22 8.63 0.61
N PRO A 17 -17.03 9.00 1.12
CA PRO A 17 -15.85 8.94 0.25
C PRO A 17 -15.57 7.55 -0.31
N LEU A 18 -15.74 6.50 0.49
CA LEU A 18 -15.55 5.14 0.01
C LEU A 18 -16.54 4.80 -1.09
N PHE A 19 -17.82 5.09 -0.87
CA PHE A 19 -18.86 4.84 -1.86
C PHE A 19 -18.55 5.51 -3.20
N LEU A 20 -18.25 6.80 -3.18
CA LEU A 20 -17.94 7.52 -4.41
C LEU A 20 -16.62 7.07 -5.03
N SER A 21 -15.60 6.83 -4.20
CA SER A 21 -14.34 6.29 -4.72
C SER A 21 -14.52 4.94 -5.40
N ALA A 22 -15.32 4.05 -4.80
CA ALA A 22 -15.58 2.76 -5.42
C ALA A 22 -16.29 2.90 -6.75
N ALA A 23 -17.27 3.80 -6.83
CA ALA A 23 -17.92 4.07 -8.12
C ALA A 23 -16.91 4.55 -9.16
N VAL A 24 -16.05 5.50 -8.78
CA VAL A 24 -15.05 6.03 -9.70
C VAL A 24 -14.10 4.93 -10.16
N ILE A 25 -13.59 4.12 -9.22
CA ILE A 25 -12.69 3.03 -9.59
C ILE A 25 -13.40 2.03 -10.50
N ALA A 26 -14.64 1.67 -10.18
CA ALA A 26 -15.40 0.75 -11.02
C ALA A 26 -15.51 1.25 -12.46
N SER A 27 -15.83 2.53 -12.63
CA SER A 27 -15.91 3.11 -13.97
C SER A 27 -14.58 3.00 -14.72
N VAL A 28 -13.47 3.34 -14.04
CA VAL A 28 -12.15 3.22 -14.66
C VAL A 28 -11.87 1.77 -15.05
N VAL A 29 -12.18 0.82 -14.17
CA VAL A 29 -11.99 -0.59 -14.48
C VAL A 29 -12.76 -0.99 -15.74
N ILE A 30 -14.03 -0.60 -15.83
CA ILE A 30 -14.81 -0.95 -17.02
C ILE A 30 -14.23 -0.32 -18.28
N HIS A 31 -13.90 0.98 -18.23
CA HIS A 31 -13.31 1.61 -19.41
C HIS A 31 -11.99 0.96 -19.78
N ALA A 32 -11.13 0.68 -18.79
CA ALA A 32 -9.86 0.01 -19.08
C ALA A 32 -10.06 -1.38 -19.69
N ALA A 33 -11.03 -2.14 -19.18
CA ALA A 33 -11.33 -3.46 -19.74
C ALA A 33 -11.72 -3.38 -21.21
N VAL A 34 -12.64 -2.48 -21.55
CA VAL A 34 -13.04 -2.29 -22.94
C VAL A 34 -11.85 -1.87 -23.80
N LEU A 35 -11.04 -0.93 -23.30
CA LEU A 35 -9.86 -0.50 -24.05
C LEU A 35 -8.90 -1.66 -24.31
N THR A 36 -8.68 -2.52 -23.31
CA THR A 36 -7.70 -3.60 -23.45
C THR A 36 -8.24 -4.85 -24.15
N THR A 37 -9.55 -4.93 -24.42
CA THR A 37 -10.11 -6.16 -24.98
C THR A 37 -10.90 -5.92 -26.26
N THR A 38 -10.88 -4.72 -26.82
CA THR A 38 -11.47 -4.43 -28.12
C THR A 38 -10.40 -3.84 -29.03
N THR A 39 -10.53 -4.10 -30.32
CA THR A 39 -9.78 -3.32 -31.30
C THR A 39 -10.42 -1.96 -31.55
N TRP A 40 -11.74 -1.85 -31.42
CA TRP A 40 -12.45 -0.65 -31.86
C TRP A 40 -12.18 0.56 -30.97
N LEU A 41 -12.05 0.37 -29.65
CA LEU A 41 -11.75 1.54 -28.81
C LEU A 41 -10.33 2.08 -29.01
N PRO A 42 -9.26 1.27 -29.03
CA PRO A 42 -7.96 1.83 -29.40
C PRO A 42 -7.90 2.39 -30.82
N ALA A 43 -8.64 1.81 -31.76
CA ALA A 43 -8.73 2.39 -33.09
C ALA A 43 -9.38 3.77 -33.06
N TYR A 44 -10.34 3.98 -32.14
CA TYR A 44 -10.93 5.30 -31.97
C TYR A 44 -9.89 6.31 -31.49
N TYR A 45 -9.05 5.94 -30.53
CA TYR A 45 -7.95 6.81 -30.11
C TYR A 45 -6.93 7.00 -31.22
N GLN A 46 -6.58 5.94 -31.93
CA GLN A 46 -5.62 6.02 -33.02
C GLN A 46 -6.10 6.92 -34.16
N GLY A 47 -7.41 6.98 -34.39
CA GLY A 47 -7.99 7.90 -35.35
C GLY A 47 -7.47 7.68 -36.75
N SER A 48 -7.23 8.78 -37.47
CA SER A 48 -6.72 8.72 -38.84
C SER A 48 -5.26 8.29 -38.94
N ALA A 49 -4.55 8.13 -37.83
CA ALA A 49 -3.15 7.72 -37.91
C ALA A 49 -2.99 6.31 -38.45
N ALA A 50 -3.93 5.42 -38.15
CA ALA A 50 -3.91 4.07 -38.71
C ALA A 50 -5.30 3.43 -38.68
N THR B 2 -26.33 21.30 -6.18
CA THR B 2 -27.27 21.06 -5.11
C THR B 2 -26.74 20.17 -3.97
N ASN B 3 -25.50 19.70 -4.09
CA ASN B 3 -24.95 18.72 -3.16
C ASN B 3 -24.10 19.34 -2.05
N GLY B 4 -24.20 20.66 -1.85
CA GLY B 4 -23.31 21.34 -0.92
C GLY B 4 -23.37 20.86 0.52
N LYS B 5 -24.46 20.23 0.94
CA LYS B 5 -24.55 19.62 2.26
C LYS B 5 -23.62 18.43 2.46
N ILE B 6 -22.99 17.91 1.40
CA ILE B 6 -21.99 16.85 1.60
C ILE B 6 -20.94 17.25 2.62
N TRP B 7 -20.57 18.53 2.67
CA TRP B 7 -19.58 19.02 3.61
C TRP B 7 -20.11 19.20 5.03
N LEU B 8 -21.37 18.84 5.30
CA LEU B 8 -21.82 18.72 6.68
C LEU B 8 -21.42 17.38 7.29
N VAL B 9 -21.22 16.36 6.47
CA VAL B 9 -21.01 15.00 6.97
C VAL B 9 -19.71 14.40 6.46
N VAL B 10 -19.10 14.94 5.41
CA VAL B 10 -17.73 14.63 5.03
C VAL B 10 -16.83 15.79 5.43
N LYS B 11 -15.75 15.48 6.11
CA LYS B 11 -14.74 16.49 6.44
C LYS B 11 -14.08 16.99 5.16
N PRO B 12 -14.07 18.31 4.90
CA PRO B 12 -13.39 18.81 3.70
C PRO B 12 -11.90 18.49 3.65
N THR B 13 -11.23 18.42 4.80
CA THR B 13 -9.83 18.05 4.82
C THR B 13 -9.59 16.61 4.36
N VAL B 14 -10.62 15.77 4.38
CA VAL B 14 -10.58 14.47 3.70
C VAL B 14 -11.04 14.61 2.26
N GLY B 15 -12.26 15.14 2.07
CA GLY B 15 -12.92 15.02 0.78
C GLY B 15 -12.34 15.90 -0.32
N VAL B 16 -11.86 17.09 0.03
CA VAL B 16 -11.29 18.00 -0.96
C VAL B 16 -9.95 17.48 -1.49
N PRO B 17 -9.01 17.05 -0.64
CA PRO B 17 -7.81 16.37 -1.19
C PRO B 17 -8.13 15.14 -2.01
N LEU B 18 -9.09 14.32 -1.56
CA LEU B 18 -9.49 13.14 -2.33
C LEU B 18 -10.08 13.52 -3.68
N PHE B 19 -11.00 14.49 -3.69
CA PHE B 19 -11.61 14.95 -4.93
C PHE B 19 -10.56 15.42 -5.94
N LEU B 20 -9.67 16.31 -5.53
CA LEU B 20 -8.64 16.82 -6.42
C LEU B 20 -7.62 15.74 -6.81
N SER B 21 -7.23 14.89 -5.87
CA SER B 21 -6.34 13.78 -6.19
C SER B 21 -6.96 12.83 -7.20
N ALA B 22 -8.25 12.52 -7.05
CA ALA B 22 -8.92 11.67 -8.02
C ALA B 22 -8.94 12.29 -9.42
N ALA B 23 -9.20 13.60 -9.50
CA ALA B 23 -9.11 14.30 -10.77
C ALA B 23 -7.72 14.19 -11.39
N VAL B 24 -6.68 14.44 -10.58
CA VAL B 24 -5.31 14.35 -11.07
C VAL B 24 -4.99 12.94 -11.56
N ILE B 25 -5.33 11.93 -10.77
CA ILE B 25 -5.09 10.55 -11.19
C ILE B 25 -5.84 10.22 -12.47
N ALA B 26 -7.11 10.62 -12.55
CA ALA B 26 -7.90 10.37 -13.76
C ALA B 26 -7.23 10.95 -15.00
N SER B 27 -6.75 12.20 -14.91
CA SER B 27 -6.04 12.82 -16.04
C SER B 27 -4.80 12.03 -16.43
N VAL B 28 -4.00 11.60 -15.46
CA VAL B 28 -2.83 10.79 -15.75
C VAL B 28 -3.21 9.48 -16.43
N VAL B 29 -4.26 8.82 -15.93
CA VAL B 29 -4.74 7.59 -16.54
C VAL B 29 -5.12 7.80 -18.00
N ILE B 30 -5.88 8.87 -18.29
CA ILE B 30 -6.28 9.13 -19.68
C ILE B 30 -5.06 9.41 -20.55
N HIS B 31 -4.14 10.28 -20.10
CA HIS B 31 -2.95 10.53 -20.90
C HIS B 31 -2.13 9.26 -21.11
N ALA B 32 -1.94 8.47 -20.05
CA ALA B 32 -1.22 7.21 -20.18
C ALA B 32 -1.88 6.24 -21.15
N ALA B 33 -3.22 6.14 -21.11
CA ALA B 33 -3.93 5.29 -22.05
C ALA B 33 -3.70 5.70 -23.50
N VAL B 34 -3.79 7.00 -23.79
CA VAL B 34 -3.53 7.48 -25.14
C VAL B 34 -2.09 7.19 -25.56
N LEU B 35 -1.13 7.44 -24.66
CA LEU B 35 0.27 7.16 -24.96
C LEU B 35 0.51 5.69 -25.28
N THR B 36 -0.10 4.79 -24.51
CA THR B 36 0.17 3.36 -24.67
C THR B 36 -0.64 2.71 -25.78
N THR B 37 -1.67 3.37 -26.34
CA THR B 37 -2.50 2.72 -27.34
C THR B 37 -2.45 3.37 -28.73
N THR B 38 -1.95 4.59 -28.85
CA THR B 38 -1.76 5.21 -30.15
C THR B 38 -0.31 5.10 -30.58
N THR B 39 -0.09 5.18 -31.88
CA THR B 39 1.25 5.46 -32.40
C THR B 39 1.55 6.96 -32.47
N TRP B 40 0.53 7.79 -32.66
CA TRP B 40 0.76 9.21 -32.94
C TRP B 40 1.31 9.96 -31.73
N LEU B 41 0.88 9.63 -30.51
CA LEU B 41 1.44 10.32 -29.35
C LEU B 41 2.90 9.96 -29.07
N PRO B 42 3.30 8.68 -29.05
CA PRO B 42 4.75 8.40 -28.94
C PRO B 42 5.57 8.93 -30.11
N ALA B 43 5.00 8.95 -31.32
CA ALA B 43 5.70 9.58 -32.44
C ALA B 43 5.91 11.08 -32.20
N TYR B 44 4.96 11.73 -31.52
CA TYR B 44 5.12 13.13 -31.17
C TYR B 44 6.29 13.34 -30.20
N TYR B 45 6.42 12.47 -29.20
CA TYR B 45 7.59 12.51 -28.32
C TYR B 45 8.88 12.18 -29.06
N GLN B 46 8.84 11.16 -29.93
CA GLN B 46 10.01 10.77 -30.71
C GLN B 46 10.50 11.87 -31.65
N GLY B 47 9.57 12.67 -32.18
CA GLY B 47 9.93 13.83 -32.98
C GLY B 47 10.72 13.48 -34.22
N SER B 48 11.71 14.32 -34.55
CA SER B 48 12.54 14.10 -35.72
C SER B 48 13.49 12.92 -35.62
N ALA B 49 13.61 12.29 -34.44
CA ALA B 49 14.48 11.13 -34.31
C ALA B 49 13.99 9.94 -35.14
N ALA B 50 12.68 9.75 -35.25
CA ALA B 50 12.12 8.72 -36.11
C ALA B 50 10.66 9.03 -36.46
N THR C 2 -7.35 32.98 -6.48
CA THR C 2 -8.59 33.25 -5.74
C THR C 2 -9.03 32.14 -4.79
N ASN C 3 -8.28 31.04 -4.75
CA ASN C 3 -8.67 29.86 -3.99
C ASN C 3 -8.06 29.79 -2.59
N GLY C 4 -7.52 30.89 -2.09
CA GLY C 4 -6.79 30.88 -0.82
C GLY C 4 -7.58 30.40 0.38
N LYS C 5 -8.91 30.49 0.35
CA LYS C 5 -9.74 29.94 1.41
C LYS C 5 -9.71 28.42 1.51
N ILE C 6 -9.12 27.72 0.54
CA ILE C 6 -8.97 26.27 0.67
C ILE C 6 -8.29 25.90 1.97
N TRP C 7 -7.34 26.72 2.44
CA TRP C 7 -6.63 26.47 3.68
C TRP C 7 -7.43 26.80 4.93
N LEU C 8 -8.70 27.22 4.80
CA LEU C 8 -9.59 27.26 5.96
C LEU C 8 -10.18 25.89 6.28
N VAL C 9 -10.29 25.02 5.29
CA VAL C 9 -10.98 23.75 5.47
C VAL C 9 -10.11 22.55 5.14
N VAL C 10 -8.98 22.73 4.45
CA VAL C 10 -7.95 21.71 4.33
C VAL C 10 -6.77 22.11 5.23
N LYS C 11 -6.31 21.16 6.03
CA LYS C 11 -5.10 21.36 6.80
C LYS C 11 -3.91 21.54 5.86
N PRO C 12 -3.14 22.63 5.98
CA PRO C 12 -1.93 22.75 5.16
C PRO C 12 -0.92 21.63 5.37
N THR C 13 -0.84 21.08 6.59
CA THR C 13 0.07 19.97 6.83
C THR C 13 -0.37 18.69 6.11
N VAL C 14 -1.62 18.63 5.67
CA VAL C 14 -2.07 17.60 4.72
C VAL C 14 -1.83 18.07 3.30
N GLY C 15 -2.41 19.21 2.94
CA GLY C 15 -2.52 19.59 1.54
C GLY C 15 -1.24 20.07 0.89
N VAL C 16 -0.38 20.74 1.65
CA VAL C 16 0.88 21.22 1.08
C VAL C 16 1.84 20.07 0.79
N PRO C 17 2.06 19.11 1.70
CA PRO C 17 2.83 17.91 1.29
C PRO C 17 2.21 17.15 0.13
N LEU C 18 0.88 17.01 0.11
CA LEU C 18 0.21 16.33 -0.99
C LEU C 18 0.42 17.08 -2.31
N PHE C 19 0.21 18.40 -2.29
CA PHE C 19 0.40 19.23 -3.48
C PHE C 19 1.80 19.08 -4.05
N LEU C 20 2.83 19.26 -3.22
CA LEU C 20 4.21 19.15 -3.69
C LEU C 20 4.57 17.71 -4.07
N SER C 21 4.10 16.72 -3.32
CA SER C 21 4.33 15.32 -3.70
C SER C 21 3.71 15.01 -5.06
N ALA C 22 2.49 15.49 -5.30
CA ALA C 22 1.86 15.26 -6.60
C ALA C 22 2.64 15.89 -7.74
N ALA C 23 3.14 17.11 -7.54
CA ALA C 23 4.01 17.73 -8.53
C ALA C 23 5.25 16.89 -8.81
N VAL C 24 5.92 16.43 -7.75
CA VAL C 24 7.12 15.61 -7.90
C VAL C 24 6.80 14.32 -8.65
N ILE C 25 5.74 13.62 -8.25
CA ILE C 25 5.35 12.39 -8.93
C ILE C 25 5.03 12.66 -10.40
N ALA C 26 4.27 13.73 -10.67
CA ALA C 26 3.93 14.08 -12.05
C ALA C 26 5.17 14.27 -12.91
N SER C 27 6.16 15.00 -12.41
CA SER C 27 7.40 15.20 -13.14
C SER C 27 8.09 13.87 -13.44
N VAL C 28 8.18 12.99 -12.43
CA VAL C 28 8.79 11.67 -12.66
C VAL C 28 8.02 10.89 -13.72
N VAL C 29 6.69 10.91 -13.65
CA VAL C 29 5.88 10.22 -14.65
C VAL C 29 6.18 10.74 -16.06
N ILE C 30 6.24 12.06 -16.23
CA ILE C 30 6.55 12.62 -17.55
C ILE C 30 7.95 12.21 -18.01
N HIS C 31 8.96 12.35 -17.14
CA HIS C 31 10.31 11.93 -17.55
C HIS C 31 10.35 10.44 -17.87
N ALA C 32 9.71 9.61 -17.05
CA ALA C 32 9.67 8.16 -17.32
C ALA C 32 8.98 7.85 -18.64
N ALA C 33 7.88 8.54 -18.95
CA ALA C 33 7.19 8.33 -20.22
C ALA C 33 8.09 8.65 -21.41
N VAL C 34 8.79 9.78 -21.37
CA VAL C 34 9.71 10.14 -22.45
C VAL C 34 10.82 9.11 -22.57
N LEU C 35 11.39 8.68 -21.44
CA LEU C 35 12.44 7.67 -21.46
C LEU C 35 11.97 6.37 -22.09
N THR C 36 10.77 5.91 -21.72
CA THR C 36 10.28 4.62 -22.19
C THR C 36 9.71 4.64 -23.61
N THR C 37 9.44 5.81 -24.19
CA THR C 37 8.81 5.86 -25.50
C THR C 37 9.67 6.45 -26.60
N THR C 38 10.71 7.21 -26.28
CA THR C 38 11.64 7.69 -27.28
C THR C 38 12.84 6.76 -27.39
N THR C 39 13.51 6.81 -28.54
CA THR C 39 14.87 6.31 -28.63
C THR C 39 15.91 7.35 -28.24
N TRP C 40 15.62 8.63 -28.45
CA TRP C 40 16.63 9.68 -28.30
C TRP C 40 17.05 9.89 -26.84
N LEU C 41 16.13 9.73 -25.88
CA LEU C 41 16.54 9.88 -24.48
C LEU C 41 17.38 8.73 -23.96
N PRO C 42 17.03 7.45 -24.19
CA PRO C 42 17.98 6.38 -23.84
C PRO C 42 19.27 6.42 -24.64
N ALA C 43 19.26 6.92 -25.88
CA ALA C 43 20.51 7.14 -26.59
C ALA C 43 21.37 8.19 -25.91
N TYR C 44 20.74 9.20 -25.31
CA TYR C 44 21.46 10.21 -24.56
C TYR C 44 22.17 9.62 -23.34
N TYR C 45 21.47 8.76 -22.59
CA TYR C 45 22.11 8.04 -21.49
C TYR C 45 23.20 7.09 -21.98
N GLN C 46 22.93 6.37 -23.07
CA GLN C 46 23.90 5.44 -23.62
C GLN C 46 25.17 6.14 -24.10
N GLY C 47 25.06 7.37 -24.58
CA GLY C 47 26.22 8.17 -24.93
C GLY C 47 27.06 7.52 -26.02
N SER C 48 28.38 7.61 -25.88
CA SER C 48 29.30 7.04 -26.85
C SER C 48 29.38 5.51 -26.81
N ALA C 49 28.72 4.86 -25.85
CA ALA C 49 28.82 3.40 -25.76
C ALA C 49 28.19 2.70 -26.96
N ALA C 50 27.13 3.27 -27.53
CA ALA C 50 26.52 2.71 -28.74
C ALA C 50 25.75 3.77 -29.51
N THR D 2 13.62 31.60 0.68
CA THR D 2 12.55 32.47 1.15
C THR D 2 11.32 31.73 1.68
N ASN D 3 11.33 30.40 1.64
CA ASN D 3 10.15 29.60 1.95
C ASN D 3 10.13 29.09 3.38
N GLY D 4 10.95 29.64 4.27
CA GLY D 4 11.09 29.10 5.62
C GLY D 4 9.81 29.06 6.44
N LYS D 5 8.82 29.91 6.12
CA LYS D 5 7.52 29.85 6.77
C LYS D 5 6.72 28.59 6.48
N ILE D 6 7.14 27.75 5.53
CA ILE D 6 6.45 26.48 5.31
C ILE D 6 6.35 25.67 6.60
N TRP D 7 7.36 25.77 7.47
CA TRP D 7 7.35 25.05 8.75
C TRP D 7 6.47 25.69 9.81
N LEU D 8 5.74 26.76 9.49
CA LEU D 8 4.67 27.22 10.38
C LEU D 8 3.39 26.43 10.19
N VAL D 9 3.19 25.85 9.00
CA VAL D 9 1.93 25.20 8.67
C VAL D 9 2.10 23.75 8.26
N VAL D 10 3.30 23.31 7.93
CA VAL D 10 3.63 21.89 7.80
C VAL D 10 4.45 21.47 9.02
N LYS D 11 4.05 20.38 9.64
CA LYS D 11 4.83 19.77 10.73
C LYS D 11 6.17 19.28 10.18
N PRO D 12 7.29 19.72 10.74
CA PRO D 12 8.59 19.18 10.29
C PRO D 12 8.71 17.68 10.44
N THR D 13 8.09 17.08 11.45
CA THR D 13 8.14 15.63 11.60
C THR D 13 7.37 14.89 10.51
N VAL D 14 6.54 15.59 9.75
CA VAL D 14 6.00 15.06 8.50
C VAL D 14 6.88 15.46 7.33
N GLY D 15 7.11 16.77 7.17
CA GLY D 15 7.69 17.27 5.94
C GLY D 15 9.16 16.97 5.74
N VAL D 16 9.94 16.95 6.82
CA VAL D 16 11.36 16.67 6.71
C VAL D 16 11.62 15.21 6.36
N PRO D 17 10.99 14.21 7.01
CA PRO D 17 11.10 12.84 6.50
C PRO D 17 10.63 12.67 5.07
N LEU D 18 9.52 13.32 4.71
CA LEU D 18 9.02 13.25 3.33
C LEU D 18 10.03 13.85 2.34
N PHE D 19 10.55 15.03 2.66
CA PHE D 19 11.53 15.70 1.81
C PHE D 19 12.75 14.81 1.56
N LEU D 20 13.36 14.30 2.63
CA LEU D 20 14.53 13.44 2.49
C LEU D 20 14.20 12.10 1.83
N SER D 21 13.06 11.51 2.17
CA SER D 21 12.63 10.27 1.50
C SER D 21 12.44 10.48 0.01
N ALA D 22 11.83 11.60 -0.39
CA ALA D 22 11.65 11.89 -1.81
C ALA D 22 12.99 12.03 -2.52
N ALA D 23 13.95 12.72 -1.90
CA ALA D 23 15.30 12.81 -2.48
C ALA D 23 15.92 11.43 -2.65
N VAL D 24 15.84 10.58 -1.62
CA VAL D 24 16.40 9.23 -1.70
C VAL D 24 15.73 8.42 -2.81
N ILE D 25 14.40 8.44 -2.86
CA ILE D 25 13.69 7.72 -3.91
C ILE D 25 14.06 8.24 -5.29
N ALA D 26 14.12 9.57 -5.45
CA ALA D 26 14.51 10.15 -6.73
C ALA D 26 15.87 9.66 -7.19
N SER D 27 16.85 9.63 -6.29
CA SER D 27 18.19 9.13 -6.63
C SER D 27 18.14 7.67 -7.08
N VAL D 28 17.40 6.83 -6.36
CA VAL D 28 17.26 5.43 -6.76
C VAL D 28 16.63 5.32 -8.14
N VAL D 29 15.57 6.09 -8.39
CA VAL D 29 14.92 6.08 -9.69
C VAL D 29 15.91 6.43 -10.80
N ILE D 30 16.71 7.48 -10.60
CA ILE D 30 17.69 7.86 -11.62
C ILE D 30 18.73 6.76 -11.83
N HIS D 31 19.30 6.23 -10.74
CA HIS D 31 20.27 5.15 -10.91
C HIS D 31 19.65 3.93 -11.60
N ALA D 32 18.45 3.55 -11.20
CA ALA D 32 17.76 2.42 -11.84
C ALA D 32 17.49 2.66 -13.32
N ALA D 33 17.09 3.88 -13.68
CA ALA D 33 16.87 4.22 -15.09
C ALA D 33 18.14 4.07 -15.92
N VAL D 34 19.26 4.59 -15.42
CA VAL D 34 20.53 4.44 -16.12
C VAL D 34 20.92 2.97 -16.23
N LEU D 35 20.76 2.21 -15.16
CA LEU D 35 21.07 0.78 -15.19
C LEU D 35 20.24 0.04 -16.23
N THR D 36 18.94 0.31 -16.28
CA THR D 36 18.07 -0.44 -17.19
C THR D 36 18.17 0.01 -18.64
N THR D 37 18.59 1.24 -18.93
CA THR D 37 18.56 1.72 -20.30
C THR D 37 19.93 1.79 -20.98
N THR D 38 21.02 1.75 -20.23
CA THR D 38 22.35 1.70 -20.84
C THR D 38 22.86 0.26 -20.87
N THR D 39 23.79 0.00 -21.79
CA THR D 39 24.64 -1.18 -21.70
C THR D 39 25.87 -0.97 -20.83
N TRP D 40 26.36 0.27 -20.74
CA TRP D 40 27.65 0.52 -20.09
C TRP D 40 27.61 0.35 -18.57
N LEU D 41 26.49 0.70 -17.92
CA LEU D 41 26.42 0.47 -16.48
C LEU D 41 26.30 -1.01 -16.10
N PRO D 42 25.44 -1.82 -16.73
CA PRO D 42 25.51 -3.26 -16.45
C PRO D 42 26.83 -3.91 -16.84
N ALA D 43 27.50 -3.42 -17.89
CA ALA D 43 28.83 -3.92 -18.21
C ALA D 43 29.82 -3.61 -17.11
N TYR D 44 29.66 -2.46 -16.45
CA TYR D 44 30.51 -2.12 -15.30
C TYR D 44 30.32 -3.11 -14.15
N TYR D 45 29.07 -3.47 -13.84
CA TYR D 45 28.82 -4.50 -12.85
C TYR D 45 29.33 -5.87 -13.28
N GLN D 46 29.12 -6.23 -14.55
CA GLN D 46 29.59 -7.50 -15.09
C GLN D 46 31.11 -7.63 -15.05
N GLY D 47 31.82 -6.52 -15.21
CA GLY D 47 33.27 -6.52 -15.09
C GLY D 47 33.95 -7.44 -16.08
N SER D 48 34.98 -8.15 -15.62
CA SER D 48 35.74 -9.06 -16.47
C SER D 48 34.99 -10.33 -16.84
N ALA D 49 33.81 -10.58 -16.28
CA ALA D 49 33.06 -11.79 -16.62
C ALA D 49 32.48 -11.76 -18.04
N ALA D 50 32.37 -10.60 -18.67
CA ALA D 50 31.82 -10.50 -20.02
C ALA D 50 32.67 -11.24 -21.05
N THR E 2 26.92 17.77 12.01
CA THR E 2 26.39 19.06 12.42
C THR E 2 24.86 19.12 12.48
N ASN E 3 24.17 18.05 12.07
CA ASN E 3 22.73 18.06 11.88
C ASN E 3 21.95 17.57 13.10
N GLY E 4 22.59 17.48 14.27
CA GLY E 4 21.96 16.86 15.42
C GLY E 4 20.63 17.48 15.86
N LYS E 5 20.42 18.75 15.54
CA LYS E 5 19.13 19.39 15.84
C LYS E 5 17.96 18.86 15.04
N ILE E 6 18.17 18.01 14.03
CA ILE E 6 17.06 17.39 13.34
C ILE E 6 16.10 16.70 14.31
N TRP E 7 16.64 16.12 15.38
CA TRP E 7 15.83 15.45 16.39
C TRP E 7 15.11 16.39 17.35
N LEU E 8 15.22 17.70 17.17
CA LEU E 8 14.31 18.62 17.86
C LEU E 8 12.96 18.72 17.17
N VAL E 9 12.91 18.46 15.87
CA VAL E 9 11.70 18.70 15.10
C VAL E 9 11.21 17.44 14.38
N VAL E 10 12.04 16.42 14.23
CA VAL E 10 11.59 15.09 13.82
C VAL E 10 11.62 14.18 15.04
N LYS E 11 10.51 13.47 15.26
CA LYS E 11 10.45 12.45 16.29
C LYS E 11 11.41 11.32 15.98
N PRO E 12 12.34 10.98 16.88
CA PRO E 12 13.23 9.82 16.62
C PRO E 12 12.48 8.52 16.40
N THR E 13 11.34 8.31 17.05
CA THR E 13 10.57 7.09 16.83
C THR E 13 9.95 7.02 15.45
N VAL E 14 9.91 8.14 14.72
CA VAL E 14 9.65 8.13 13.28
C VAL E 14 10.94 8.01 12.50
N GLY E 15 11.87 8.94 12.75
CA GLY E 15 12.99 9.11 11.84
C GLY E 15 14.06 8.05 11.93
N VAL E 16 14.29 7.50 13.12
CA VAL E 16 15.30 6.45 13.29
C VAL E 16 14.86 5.14 12.64
N PRO E 17 13.62 4.66 12.85
CA PRO E 17 13.18 3.50 12.05
C PRO E 17 13.20 3.76 10.55
N LEU E 18 12.79 4.95 10.11
CA LEU E 18 12.84 5.29 8.69
C LEU E 18 14.26 5.27 8.16
N PHE E 19 15.18 5.92 8.88
CA PHE E 19 16.58 5.96 8.48
C PHE E 19 17.16 4.56 8.31
N LEU E 20 17.01 3.71 9.31
CA LEU E 20 17.53 2.35 9.24
C LEU E 20 16.80 1.50 8.20
N SER E 21 15.47 1.64 8.10
CA SER E 21 14.73 0.93 7.06
C SER E 21 15.18 1.33 5.67
N ALA E 22 15.42 2.62 5.43
CA ALA E 22 15.91 3.07 4.13
C ALA E 22 17.27 2.47 3.82
N ALA E 23 18.18 2.44 4.79
CA ALA E 23 19.47 1.78 4.60
C ALA E 23 19.31 0.32 4.23
N VAL E 24 18.46 -0.40 4.95
CA VAL E 24 18.22 -1.83 4.67
C VAL E 24 17.67 -2.01 3.26
N ILE E 25 16.65 -1.23 2.90
CA ILE E 25 16.07 -1.31 1.56
C ILE E 25 17.11 -1.00 0.49
N ALA E 26 17.89 0.06 0.70
CA ALA E 26 18.94 0.41 -0.26
C ALA E 26 19.91 -0.74 -0.50
N SER E 27 20.34 -1.40 0.58
CA SER E 27 21.23 -2.54 0.44
C SER E 27 20.60 -3.67 -0.37
N VAL E 28 19.33 -3.99 -0.08
CA VAL E 28 18.63 -5.02 -0.85
C VAL E 28 18.55 -4.63 -2.32
N VAL E 29 18.21 -3.36 -2.59
CA VAL E 29 18.13 -2.88 -3.98
C VAL E 29 19.46 -3.08 -4.70
N ILE E 30 20.58 -2.71 -4.06
CA ILE E 30 21.88 -2.89 -4.69
C ILE E 30 22.18 -4.37 -4.92
N HIS E 31 21.99 -5.21 -3.90
CA HIS E 31 22.24 -6.64 -4.12
C HIS E 31 21.37 -7.21 -5.22
N ALA E 32 20.07 -6.86 -5.23
CA ALA E 32 19.18 -7.34 -6.27
C ALA E 32 19.59 -6.85 -7.66
N ALA E 33 20.08 -5.61 -7.76
CA ALA E 33 20.55 -5.10 -9.04
C ALA E 33 21.74 -5.90 -9.57
N VAL E 34 22.73 -6.16 -8.70
CA VAL E 34 23.87 -6.97 -9.11
C VAL E 34 23.44 -8.38 -9.51
N LEU E 35 22.54 -8.98 -8.73
CA LEU E 35 22.06 -10.32 -9.06
C LEU E 35 21.38 -10.35 -10.42
N THR E 36 20.52 -9.38 -10.72
CA THR E 36 19.78 -9.38 -11.96
C THR E 36 20.60 -8.97 -13.18
N THR E 37 21.65 -8.17 -13.01
CA THR E 37 22.38 -7.67 -14.17
C THR E 37 23.67 -8.42 -14.49
N THR E 38 24.28 -9.10 -13.52
CA THR E 38 25.48 -9.87 -13.80
C THR E 38 25.13 -11.32 -14.09
N THR E 39 26.05 -11.99 -14.79
CA THR E 39 26.07 -13.45 -14.81
C THR E 39 26.85 -14.05 -13.64
N TRP E 40 27.86 -13.34 -13.14
CA TRP E 40 28.77 -13.93 -12.15
C TRP E 40 28.12 -14.16 -10.79
N LEU E 41 27.20 -13.29 -10.36
CA LEU E 41 26.53 -13.54 -9.09
C LEU E 41 25.55 -14.71 -9.14
N PRO E 42 24.66 -14.83 -10.13
CA PRO E 42 23.85 -16.07 -10.23
C PRO E 42 24.69 -17.32 -10.45
N ALA E 43 25.81 -17.23 -11.16
CA ALA E 43 26.71 -18.37 -11.27
C ALA E 43 27.28 -18.78 -9.92
N TYR E 44 27.53 -17.80 -9.05
CA TYR E 44 27.97 -18.11 -7.68
C TYR E 44 26.92 -18.89 -6.91
N TYR E 45 25.65 -18.49 -7.01
CA TYR E 45 24.57 -19.27 -6.39
C TYR E 45 24.42 -20.64 -7.04
N GLN E 46 24.49 -20.70 -8.37
CA GLN E 46 24.38 -21.96 -9.10
C GLN E 46 25.49 -22.95 -8.74
N GLY E 47 26.68 -22.44 -8.43
CA GLY E 47 27.78 -23.28 -7.98
C GLY E 47 28.15 -24.35 -8.99
N SER E 48 28.44 -25.55 -8.49
CA SER E 48 28.83 -26.68 -9.35
C SER E 48 27.69 -27.27 -10.17
N ALA E 49 26.44 -26.81 -10.00
CA ALA E 49 25.35 -27.33 -10.82
C ALA E 49 25.42 -26.86 -12.27
N ALA E 50 26.15 -25.80 -12.57
CA ALA E 50 26.34 -25.36 -13.96
C ALA E 50 27.13 -26.38 -14.77
N THR F 2 26.19 -2.04 22.26
CA THR F 2 26.29 -0.71 22.85
C THR F 2 25.13 0.23 22.52
N ASN F 3 24.21 -0.22 21.67
CA ASN F 3 23.15 0.63 21.15
C ASN F 3 21.86 0.58 21.95
N GLY F 4 21.89 0.04 23.17
CA GLY F 4 20.67 -0.18 23.94
C GLY F 4 19.84 1.06 24.23
N LYS F 5 20.45 2.25 24.23
CA LYS F 5 19.69 3.50 24.37
C LYS F 5 18.76 3.79 23.21
N ILE F 6 18.83 3.05 22.10
CA ILE F 6 17.86 3.24 21.03
C ILE F 6 16.43 3.14 21.54
N TRP F 7 16.19 2.28 22.53
CA TRP F 7 14.85 2.11 23.10
C TRP F 7 14.45 3.22 24.07
N LEU F 8 15.28 4.25 24.26
CA LEU F 8 14.81 5.46 24.93
C LEU F 8 14.04 6.38 23.99
N VAL F 9 14.32 6.31 22.69
CA VAL F 9 13.76 7.25 21.74
C VAL F 9 12.98 6.57 20.63
N VAL F 10 13.14 5.27 20.41
CA VAL F 10 12.24 4.48 19.58
C VAL F 10 11.37 3.63 20.49
N LYS F 11 10.07 3.65 20.26
CA LYS F 11 9.14 2.79 20.97
C LYS F 11 9.39 1.34 20.58
N PRO F 12 9.63 0.44 21.54
CA PRO F 12 9.80 -0.98 21.20
C PRO F 12 8.61 -1.59 20.49
N THR F 13 7.39 -1.14 20.79
CA THR F 13 6.21 -1.64 20.08
C THR F 13 6.20 -1.25 18.61
N VAL F 14 6.99 -0.25 18.22
CA VAL F 14 7.26 0.02 16.82
C VAL F 14 8.49 -0.76 16.36
N GLY F 15 9.62 -0.55 17.05
CA GLY F 15 10.89 -1.00 16.52
C GLY F 15 11.12 -2.50 16.57
N VAL F 16 10.61 -3.17 17.59
CA VAL F 16 10.79 -4.63 17.71
C VAL F 16 9.98 -5.38 16.65
N PRO F 17 8.69 -5.08 16.43
CA PRO F 17 8.01 -5.69 15.27
C PRO F 17 8.69 -5.37 13.94
N LEU F 18 9.15 -4.14 13.75
CA LEU F 18 9.85 -3.77 12.52
C LEU F 18 11.14 -4.57 12.36
N PHE F 19 11.94 -4.63 13.42
CA PHE F 19 13.20 -5.39 13.39
C PHE F 19 12.97 -6.84 13.00
N LEU F 20 12.06 -7.52 13.70
CA LEU F 20 11.79 -8.93 13.39
C LEU F 20 11.13 -9.11 12.02
N SER F 21 10.21 -8.22 11.66
CA SER F 21 9.61 -8.29 10.32
C SER F 21 10.66 -8.13 9.23
N ALA F 22 11.58 -7.19 9.39
CA ALA F 22 12.64 -7.00 8.42
C ALA F 22 13.51 -8.26 8.28
N ALA F 23 13.87 -8.88 9.40
CA ALA F 23 14.60 -10.14 9.36
C ALA F 23 13.83 -11.21 8.58
N VAL F 24 12.54 -11.35 8.88
CA VAL F 24 11.70 -12.35 8.18
C VAL F 24 11.65 -12.06 6.69
N ILE F 25 11.39 -10.80 6.32
CA ILE F 25 11.34 -10.44 4.89
C ILE F 25 12.69 -10.70 4.23
N ALA F 26 13.78 -10.31 4.88
CA ALA F 26 15.11 -10.55 4.33
C ALA F 26 15.36 -12.02 4.03
N SER F 27 15.00 -12.90 4.98
CA SER F 27 15.15 -14.33 4.77
C SER F 27 14.35 -14.83 3.57
N VAL F 28 13.08 -14.39 3.46
CA VAL F 28 12.25 -14.75 2.31
C VAL F 28 12.90 -14.28 1.01
N VAL F 29 13.38 -13.04 0.98
CA VAL F 29 14.04 -12.51 -0.20
C VAL F 29 15.23 -13.38 -0.61
N ILE F 30 16.08 -13.75 0.35
CA ILE F 30 17.22 -14.61 0.03
C ILE F 30 16.77 -15.96 -0.50
N HIS F 31 15.83 -16.62 0.18
CA HIS F 31 15.36 -17.91 -0.32
C HIS F 31 14.74 -17.78 -1.72
N ALA F 32 13.92 -16.75 -1.94
CA ALA F 32 13.34 -16.53 -3.25
C ALA F 32 14.39 -16.27 -4.33
N ALA F 33 15.43 -15.50 -4.00
CA ALA F 33 16.51 -15.26 -4.95
C ALA F 33 17.20 -16.56 -5.37
N VAL F 34 17.54 -17.41 -4.39
CA VAL F 34 18.15 -18.70 -4.71
C VAL F 34 17.21 -19.55 -5.56
N LEU F 35 15.93 -19.60 -5.19
CA LEU F 35 14.96 -20.37 -5.95
C LEU F 35 14.86 -19.90 -7.40
N THR F 36 14.83 -18.58 -7.62
CA THR F 36 14.64 -18.03 -8.96
C THR F 36 15.90 -18.01 -9.81
N THR F 37 17.09 -18.21 -9.24
CA THR F 37 18.31 -18.07 -10.03
C THR F 37 19.14 -19.34 -10.13
N THR F 38 18.85 -20.37 -9.34
CA THR F 38 19.51 -21.66 -9.49
C THR F 38 18.60 -22.63 -10.21
N THR F 39 19.20 -23.65 -10.83
CA THR F 39 18.45 -24.83 -11.22
C THR F 39 18.32 -25.83 -10.09
N TRP F 40 19.32 -25.88 -9.20
CA TRP F 40 19.38 -26.96 -8.20
C TRP F 40 18.29 -26.86 -7.14
N LEU F 41 17.87 -25.65 -6.74
CA LEU F 41 16.79 -25.58 -5.77
C LEU F 41 15.43 -25.95 -6.36
N PRO F 42 15.01 -25.47 -7.52
CA PRO F 42 13.77 -26.01 -8.12
C PRO F 42 13.86 -27.50 -8.44
N ALA F 43 15.03 -28.00 -8.82
CA ALA F 43 15.19 -29.44 -9.01
C ALA F 43 14.96 -30.21 -7.72
N TYR F 44 15.34 -29.63 -6.58
CA TYR F 44 15.06 -30.24 -5.28
C TYR F 44 13.56 -30.33 -5.02
N TYR F 45 12.81 -29.27 -5.32
CA TYR F 45 11.35 -29.33 -5.20
C TYR F 45 10.73 -30.30 -6.21
N GLN F 46 11.23 -30.29 -7.44
CA GLN F 46 10.74 -31.20 -8.49
C GLN F 46 10.96 -32.67 -8.12
N GLY F 47 12.05 -32.98 -7.42
CA GLY F 47 12.31 -34.32 -6.95
C GLY F 47 12.38 -35.35 -8.06
N SER F 48 11.84 -36.54 -7.80
CA SER F 48 11.87 -37.64 -8.77
C SER F 48 10.99 -37.41 -9.99
N ALA F 49 10.19 -36.34 -10.03
CA ALA F 49 9.46 -36.01 -11.25
C ALA F 49 10.37 -35.56 -12.39
N ALA F 50 11.65 -35.33 -12.13
CA ALA F 50 12.63 -35.12 -13.19
C ALA F 50 13.91 -35.90 -12.91
N THR G 2 11.82 -18.51 26.47
CA THR G 2 12.38 -17.54 27.40
C THR G 2 12.08 -16.08 27.06
N ASN G 3 11.43 -15.85 25.93
CA ASN G 3 11.23 -14.50 25.41
C ASN G 3 9.92 -13.85 25.86
N GLY G 4 9.24 -14.42 26.86
CA GLY G 4 7.92 -13.97 27.23
C GLY G 4 7.80 -12.51 27.65
N LYS G 5 8.91 -11.90 28.09
CA LYS G 5 8.91 -10.46 28.37
C LYS G 5 8.73 -9.58 27.15
N ILE G 6 8.78 -10.13 25.93
CA ILE G 6 8.49 -9.33 24.74
C ILE G 6 7.15 -8.62 24.86
N TRP G 7 6.17 -9.26 25.50
CA TRP G 7 4.84 -8.68 25.69
C TRP G 7 4.77 -7.63 26.78
N LEU G 8 5.89 -7.28 27.42
CA LEU G 8 5.93 -6.08 28.25
C LEU G 8 6.13 -4.82 27.44
N VAL G 9 6.74 -4.92 26.26
CA VAL G 9 7.12 -3.76 25.49
C VAL G 9 6.52 -3.76 24.08
N VAL G 10 6.04 -4.90 23.59
CA VAL G 10 5.21 -4.95 22.39
C VAL G 10 3.77 -5.20 22.80
N LYS G 11 2.86 -4.40 22.27
CA LYS G 11 1.43 -4.63 22.46
C LYS G 11 1.04 -5.95 21.83
N PRO G 12 0.42 -6.88 22.58
CA PRO G 12 -0.07 -8.12 21.97
C PRO G 12 -1.07 -7.88 20.85
N THR G 13 -1.91 -6.85 20.94
CA THR G 13 -2.85 -6.55 19.87
C THR G 13 -2.17 -6.08 18.59
N VAL G 14 -0.88 -5.77 18.66
CA VAL G 14 -0.06 -5.56 17.47
C VAL G 14 0.68 -6.85 17.12
N GLY G 15 1.44 -7.37 18.07
CA GLY G 15 2.39 -8.44 17.77
C GLY G 15 1.76 -9.78 17.49
N VAL G 16 0.66 -10.11 18.16
CA VAL G 16 0.00 -11.40 17.95
C VAL G 16 -0.67 -11.46 16.57
N PRO G 17 -1.45 -10.46 16.15
CA PRO G 17 -1.91 -10.47 14.75
C PRO G 17 -0.78 -10.50 13.73
N LEU G 18 0.29 -9.74 13.97
CA LEU G 18 1.44 -9.75 13.07
C LEU G 18 2.10 -11.13 13.01
N PHE G 19 2.34 -11.73 14.19
CA PHE G 19 2.94 -13.05 14.25
C PHE G 19 2.13 -14.08 13.46
N LEU G 20 0.82 -14.16 13.72
CA LEU G 20 -0.01 -15.12 13.01
C LEU G 20 -0.15 -14.78 11.52
N SER G 21 -0.29 -13.49 11.19
CA SER G 21 -0.33 -13.10 9.79
C SER G 21 0.94 -13.48 9.05
N ALA G 22 2.10 -13.27 9.68
CA ALA G 22 3.36 -13.66 9.05
C ALA G 22 3.43 -15.16 8.81
N ALA G 23 2.99 -15.96 9.78
CA ALA G 23 2.92 -17.41 9.59
C ALA G 23 2.03 -17.77 8.41
N VAL G 24 0.84 -17.17 8.34
CA VAL G 24 -0.09 -17.44 7.24
C VAL G 24 0.54 -17.07 5.90
N ILE G 25 1.11 -15.87 5.81
CA ILE G 25 1.74 -15.43 4.57
C ILE G 25 2.89 -16.36 4.18
N ALA G 26 3.73 -16.73 5.15
CA ALA G 26 4.84 -17.65 4.89
C ALA G 26 4.36 -18.95 4.29
N SER G 27 3.31 -19.54 4.86
CA SER G 27 2.75 -20.78 4.33
C SER G 27 2.27 -20.61 2.87
N VAL G 28 1.57 -19.51 2.59
CA VAL G 28 1.13 -19.24 1.22
C VAL G 28 2.32 -19.11 0.28
N VAL G 29 3.35 -18.39 0.70
CA VAL G 29 4.56 -18.24 -0.11
C VAL G 29 5.17 -19.59 -0.44
N ILE G 30 5.30 -20.47 0.56
CA ILE G 30 5.86 -21.80 0.31
C ILE G 30 4.98 -22.60 -0.64
N HIS G 31 3.67 -22.64 -0.40
CA HIS G 31 2.79 -23.37 -1.31
C HIS G 31 2.85 -22.80 -2.73
N ALA G 32 2.83 -21.47 -2.86
CA ALA G 32 2.92 -20.84 -4.18
C ALA G 32 4.25 -21.17 -4.88
N ALA G 33 5.35 -21.17 -4.13
CA ALA G 33 6.65 -21.53 -4.71
C ALA G 33 6.65 -22.95 -5.26
N VAL G 34 6.14 -23.91 -4.48
CA VAL G 34 6.06 -25.29 -4.96
C VAL G 34 5.16 -25.39 -6.20
N LEU G 35 4.01 -24.73 -6.16
CA LEU G 35 3.10 -24.75 -7.31
C LEU G 35 3.76 -24.21 -8.57
N THR G 36 4.48 -23.09 -8.46
CA THR G 36 5.05 -22.46 -9.63
C THR G 36 6.32 -23.13 -10.14
N THR G 37 7.07 -23.85 -9.29
CA THR G 37 8.34 -24.40 -9.74
C THR G 37 8.31 -25.90 -10.03
N THR G 38 7.33 -26.64 -9.54
CA THR G 38 7.20 -28.05 -9.87
C THR G 38 6.21 -28.26 -11.02
N THR G 39 6.38 -29.38 -11.71
CA THR G 39 5.32 -29.89 -12.58
C THR G 39 4.32 -30.77 -11.84
N TRP G 40 4.75 -31.44 -10.77
CA TRP G 40 3.91 -32.44 -10.12
C TRP G 40 2.73 -31.83 -9.36
N LEU G 41 2.90 -30.65 -8.76
CA LEU G 41 1.76 -30.04 -8.10
C LEU G 41 0.72 -29.49 -9.07
N PRO G 42 1.11 -28.79 -10.14
CA PRO G 42 0.11 -28.47 -11.19
C PRO G 42 -0.57 -29.70 -11.79
N ALA G 43 0.18 -30.80 -11.96
CA ALA G 43 -0.43 -32.02 -12.48
C ALA G 43 -1.45 -32.59 -11.51
N TYR G 44 -1.21 -32.44 -10.21
CA TYR G 44 -2.18 -32.87 -9.20
C TYR G 44 -3.50 -32.10 -9.35
N TYR G 45 -3.42 -30.77 -9.50
CA TYR G 45 -4.64 -29.98 -9.75
C TYR G 45 -5.28 -30.34 -11.09
N GLN G 46 -4.47 -30.53 -12.13
CA GLN G 46 -4.98 -30.88 -13.45
C GLN G 46 -5.68 -32.24 -13.46
N GLY G 47 -5.25 -33.17 -12.61
CA GLY G 47 -5.91 -34.46 -12.47
C GLY G 47 -5.98 -35.22 -13.77
N SER G 48 -7.12 -35.90 -13.99
CA SER G 48 -7.34 -36.69 -15.20
C SER G 48 -7.54 -35.87 -16.47
N ALA G 49 -7.59 -34.54 -16.38
CA ALA G 49 -7.72 -33.73 -17.59
C ALA G 49 -6.47 -33.76 -18.46
N ALA G 50 -5.31 -34.07 -17.91
CA ALA G 50 -4.11 -34.26 -18.70
C ALA G 50 -4.22 -35.44 -19.66
N THR H 2 -9.39 -24.02 22.80
CA THR H 2 -8.75 -23.63 24.04
C THR H 2 -8.13 -22.23 24.04
N ASN H 3 -8.17 -21.55 22.89
CA ASN H 3 -7.45 -20.28 22.71
C ASN H 3 -8.30 -19.04 22.98
N GLY H 4 -9.46 -19.20 23.62
CA GLY H 4 -10.40 -18.09 23.78
C GLY H 4 -9.84 -16.87 24.49
N LYS H 5 -8.82 -17.04 25.33
CA LYS H 5 -8.16 -15.90 25.96
C LYS H 5 -7.42 -14.98 25.00
N ILE H 6 -7.24 -15.36 23.73
CA ILE H 6 -6.65 -14.45 22.76
C ILE H 6 -7.38 -13.11 22.74
N TRP H 7 -8.70 -13.12 22.94
CA TRP H 7 -9.49 -11.89 22.96
C TRP H 7 -9.37 -11.08 24.24
N LEU H 8 -8.53 -11.50 25.19
CA LEU H 8 -8.17 -10.62 26.29
C LEU H 8 -7.07 -9.64 25.90
N VAL H 9 -6.25 -9.98 24.92
CA VAL H 9 -5.07 -9.20 24.58
C VAL H 9 -5.06 -8.75 23.13
N VAL H 10 -5.85 -9.36 22.24
CA VAL H 10 -6.13 -8.83 20.92
C VAL H 10 -7.54 -8.24 20.91
N LYS H 11 -7.64 -7.01 20.42
CA LYS H 11 -8.94 -6.39 20.22
C LYS H 11 -9.73 -7.15 19.16
N PRO H 12 -10.94 -7.62 19.47
CA PRO H 12 -11.75 -8.30 18.44
C PRO H 12 -12.03 -7.44 17.23
N THR H 13 -12.17 -6.13 17.39
CA THR H 13 -12.40 -5.25 16.24
C THR H 13 -11.18 -5.17 15.32
N VAL H 14 -10.02 -5.61 15.78
CA VAL H 14 -8.87 -5.84 14.91
C VAL H 14 -8.87 -7.29 14.43
N GLY H 15 -8.89 -8.24 15.37
CA GLY H 15 -8.59 -9.61 15.03
C GLY H 15 -9.68 -10.35 14.28
N VAL H 16 -10.94 -10.03 14.55
CA VAL H 16 -12.06 -10.70 13.87
C VAL H 16 -12.15 -10.25 12.40
N PRO H 17 -12.08 -8.96 12.06
CA PRO H 17 -11.98 -8.60 10.64
C PRO H 17 -10.74 -9.19 9.96
N LEU H 18 -9.60 -9.20 10.64
CA LEU H 18 -8.40 -9.80 10.08
C LEU H 18 -8.58 -11.29 9.82
N PHE H 19 -9.11 -12.01 10.81
CA PHE H 19 -9.35 -13.45 10.67
C PHE H 19 -10.24 -13.75 9.47
N LEU H 20 -11.40 -13.08 9.39
CA LEU H 20 -12.31 -13.32 8.27
C LEU H 20 -11.74 -12.85 6.94
N SER H 21 -11.07 -11.70 6.92
CA SER H 21 -10.42 -11.24 5.69
C SER H 21 -9.37 -12.23 5.20
N ALA H 22 -8.55 -12.77 6.12
CA ALA H 22 -7.56 -13.76 5.73
C ALA H 22 -8.21 -15.02 5.14
N ALA H 23 -9.30 -15.49 5.74
CA ALA H 23 -10.04 -16.60 5.17
C ALA H 23 -10.53 -16.30 3.76
N VAL H 24 -11.12 -15.11 3.56
CA VAL H 24 -11.61 -14.71 2.25
C VAL H 24 -10.47 -14.66 1.24
N ILE H 25 -9.37 -14.01 1.60
CA ILE H 25 -8.22 -13.93 0.70
C ILE H 25 -7.68 -15.32 0.37
N ALA H 26 -7.56 -16.18 1.39
CA ALA H 26 -7.08 -17.54 1.16
C ALA H 26 -7.94 -18.27 0.14
N SER H 27 -9.25 -18.18 0.27
CA SER H 27 -10.16 -18.81 -0.68
C SER H 27 -9.95 -18.30 -2.10
N VAL H 28 -9.84 -16.97 -2.26
CA VAL H 28 -9.58 -16.39 -3.57
C VAL H 28 -8.26 -16.89 -4.14
N VAL H 29 -7.22 -16.93 -3.31
CA VAL H 29 -5.92 -17.44 -3.75
C VAL H 29 -6.03 -18.87 -4.26
N ILE H 30 -6.72 -19.74 -3.53
CA ILE H 30 -6.89 -21.13 -3.96
C ILE H 30 -7.67 -21.20 -5.28
N HIS H 31 -8.81 -20.50 -5.37
CA HIS H 31 -9.56 -20.52 -6.62
C HIS H 31 -8.72 -19.98 -7.78
N ALA H 32 -8.02 -18.88 -7.57
CA ALA H 32 -7.16 -18.32 -8.61
C ALA H 32 -6.08 -19.30 -9.05
N ALA H 33 -5.42 -19.96 -8.09
CA ALA H 33 -4.40 -20.95 -8.43
C ALA H 33 -4.93 -22.07 -9.30
N VAL H 34 -6.10 -22.61 -8.95
CA VAL H 34 -6.73 -23.65 -9.77
C VAL H 34 -7.07 -23.13 -11.15
N LEU H 35 -7.63 -21.92 -11.23
CA LEU H 35 -7.97 -21.32 -12.52
C LEU H 35 -6.74 -21.16 -13.41
N THR H 36 -5.64 -20.65 -12.84
CA THR H 36 -4.45 -20.39 -13.65
C THR H 36 -3.66 -21.64 -14.01
N THR H 37 -3.74 -22.71 -13.22
CA THR H 37 -2.89 -23.87 -13.49
C THR H 37 -3.61 -25.01 -14.20
N THR H 38 -4.91 -25.17 -14.05
CA THR H 38 -5.62 -26.22 -14.78
C THR H 38 -6.10 -25.70 -16.14
N THR H 39 -6.34 -26.64 -17.05
CA THR H 39 -7.13 -26.35 -18.24
C THR H 39 -8.63 -26.56 -18.00
N TRP H 40 -9.01 -27.45 -17.08
CA TRP H 40 -10.42 -27.82 -16.93
C TRP H 40 -11.27 -26.69 -16.35
N LEU H 41 -10.73 -25.91 -15.42
CA LEU H 41 -11.54 -24.80 -14.91
C LEU H 41 -11.72 -23.66 -15.92
N PRO H 42 -10.69 -23.25 -16.66
CA PRO H 42 -10.94 -22.34 -17.79
C PRO H 42 -11.91 -22.89 -18.82
N ALA H 43 -11.82 -24.18 -19.15
CA ALA H 43 -12.75 -24.78 -20.09
C ALA H 43 -14.19 -24.76 -19.57
N TYR H 44 -14.36 -24.82 -18.24
CA TYR H 44 -15.69 -24.73 -17.65
C TYR H 44 -16.29 -23.33 -17.89
N TYR H 45 -15.49 -22.28 -17.69
CA TYR H 45 -15.95 -20.92 -18.01
C TYR H 45 -16.19 -20.74 -19.50
N GLN H 46 -15.28 -21.25 -20.34
CA GLN H 46 -15.42 -21.14 -21.78
C GLN H 46 -16.66 -21.84 -22.31
N GLY H 47 -17.09 -22.92 -21.66
CA GLY H 47 -18.32 -23.60 -22.01
C GLY H 47 -18.32 -24.10 -23.45
N SER H 48 -19.48 -23.94 -24.11
CA SER H 48 -19.64 -24.39 -25.50
C SER H 48 -18.90 -23.54 -26.53
N ALA H 49 -18.28 -22.43 -26.12
CA ALA H 49 -17.55 -21.59 -27.07
C ALA H 49 -16.26 -22.22 -27.57
N ALA H 50 -15.73 -23.23 -26.89
CA ALA H 50 -14.48 -23.87 -27.31
C ALA H 50 -14.62 -24.58 -28.65
N THR I 2 -27.64 -15.89 12.93
CA THR I 2 -27.37 -16.04 14.36
C THR I 2 -26.12 -15.30 14.86
N ASN I 3 -25.42 -14.62 13.95
CA ASN I 3 -24.14 -14.00 14.26
C ASN I 3 -24.23 -12.53 14.65
N GLY I 4 -25.44 -12.02 14.92
CA GLY I 4 -25.63 -10.60 15.13
C GLY I 4 -24.83 -9.98 16.25
N LYS I 5 -24.41 -10.77 17.24
CA LYS I 5 -23.51 -10.29 18.29
C LYS I 5 -22.12 -9.89 17.80
N ILE I 6 -21.76 -10.21 16.56
CA ILE I 6 -20.48 -9.72 16.02
C ILE I 6 -20.35 -8.21 16.18
N TRP I 7 -21.46 -7.48 16.05
CA TRP I 7 -21.45 -6.03 16.18
C TRP I 7 -21.37 -5.54 17.63
N LEU I 8 -21.25 -6.44 18.61
CA LEU I 8 -20.89 -6.02 19.96
C LEU I 8 -19.38 -5.83 20.11
N VAL I 9 -18.59 -6.52 19.30
CA VAL I 9 -17.14 -6.51 19.46
C VAL I 9 -16.41 -6.05 18.21
N VAL I 10 -17.05 -6.03 17.04
CA VAL I 10 -16.54 -5.33 15.88
C VAL I 10 -17.33 -4.05 15.69
N LYS I 11 -16.61 -2.94 15.52
CA LYS I 11 -17.22 -1.66 15.19
C LYS I 11 -17.86 -1.72 13.81
N PRO I 12 -19.15 -1.42 13.67
CA PRO I 12 -19.75 -1.36 12.33
C PRO I 12 -19.09 -0.35 11.41
N THR I 13 -18.55 0.75 11.94
CA THR I 13 -17.78 1.69 11.13
C THR I 13 -16.61 1.00 10.42
N VAL I 14 -16.09 -0.07 11.00
CA VAL I 14 -15.06 -0.88 10.36
C VAL I 14 -15.69 -1.99 9.54
N GLY I 15 -16.49 -2.83 10.17
CA GLY I 15 -16.89 -4.10 9.57
C GLY I 15 -17.86 -3.97 8.42
N VAL I 16 -18.76 -2.99 8.46
CA VAL I 16 -19.74 -2.82 7.39
C VAL I 16 -19.09 -2.30 6.11
N PRO I 17 -18.25 -1.26 6.14
CA PRO I 17 -17.49 -0.91 4.93
C PRO I 17 -16.63 -2.05 4.41
N LEU I 18 -15.96 -2.78 5.30
CA LEU I 18 -15.13 -3.91 4.88
C LEU I 18 -15.96 -4.99 4.23
N PHE I 19 -17.09 -5.36 4.85
CA PHE I 19 -17.98 -6.38 4.30
C PHE I 19 -18.44 -6.02 2.89
N LEU I 20 -18.96 -4.80 2.70
CA LEU I 20 -19.43 -4.39 1.38
C LEU I 20 -18.28 -4.23 0.39
N SER I 21 -17.14 -3.68 0.83
CA SER I 21 -15.97 -3.58 -0.04
C SER I 21 -15.49 -4.95 -0.50
N ALA I 22 -15.46 -5.93 0.40
CA ALA I 22 -15.07 -7.28 0.02
C ALA I 22 -16.02 -7.87 -1.01
N ALA I 23 -17.32 -7.68 -0.84
CA ALA I 23 -18.29 -8.12 -1.84
C ALA I 23 -18.02 -7.46 -3.19
N VAL I 24 -17.81 -6.14 -3.20
CA VAL I 24 -17.53 -5.43 -4.45
C VAL I 24 -16.27 -5.96 -5.11
N ILE I 25 -15.18 -6.10 -4.34
CA ILE I 25 -13.94 -6.61 -4.90
C ILE I 25 -14.12 -8.03 -5.44
N ALA I 26 -14.81 -8.89 -4.68
CA ALA I 26 -15.06 -10.25 -5.14
C ALA I 26 -15.77 -10.29 -6.48
N SER I 27 -16.80 -9.46 -6.65
CA SER I 27 -17.53 -9.39 -7.92
C SER I 27 -16.61 -8.96 -9.05
N VAL I 28 -15.79 -7.94 -8.83
CA VAL I 28 -14.83 -7.51 -9.85
C VAL I 28 -13.87 -8.65 -10.20
N VAL I 29 -13.36 -9.34 -9.18
CA VAL I 29 -12.46 -10.46 -9.42
C VAL I 29 -13.11 -11.53 -10.30
N ILE I 30 -14.36 -11.89 -10.01
CA ILE I 30 -15.06 -12.89 -10.82
C ILE I 30 -15.26 -12.39 -12.24
N HIS I 31 -15.75 -11.16 -12.42
CA HIS I 31 -15.93 -10.64 -13.78
C HIS I 31 -14.59 -10.60 -14.54
N ALA I 32 -13.54 -10.11 -13.88
CA ALA I 32 -12.23 -10.07 -14.53
C ALA I 32 -11.71 -11.46 -14.89
N ALA I 33 -11.93 -12.44 -14.03
CA ALA I 33 -11.53 -13.82 -14.36
C ALA I 33 -12.23 -14.35 -15.60
N VAL I 34 -13.55 -14.13 -15.68
CA VAL I 34 -14.29 -14.56 -16.87
C VAL I 34 -13.80 -13.83 -18.11
N LEU I 35 -13.57 -12.52 -18.00
CA LEU I 35 -13.09 -11.74 -19.13
C LEU I 35 -11.73 -12.25 -19.63
N THR I 36 -10.81 -12.53 -18.71
CA THR I 36 -9.47 -12.93 -19.11
C THR I 36 -9.37 -14.39 -19.58
N THR I 37 -10.27 -15.26 -19.14
CA THR I 37 -10.12 -16.68 -19.46
C THR I 37 -11.07 -17.20 -20.55
N THR I 38 -12.12 -16.47 -20.88
CA THR I 38 -12.99 -16.87 -21.97
C THR I 38 -12.65 -16.08 -23.24
N THR I 39 -13.03 -16.64 -24.38
CA THR I 39 -13.11 -15.85 -25.61
C THR I 39 -14.47 -15.16 -25.78
N TRP I 40 -15.54 -15.74 -25.24
CA TRP I 40 -16.88 -15.25 -25.52
C TRP I 40 -17.17 -13.89 -24.89
N LEU I 41 -16.63 -13.61 -23.70
CA LEU I 41 -16.84 -12.28 -23.13
C LEU I 41 -16.03 -11.19 -23.84
N PRO I 42 -14.74 -11.37 -24.14
CA PRO I 42 -14.07 -10.41 -25.04
C PRO I 42 -14.75 -10.23 -26.38
N ALA I 43 -15.25 -11.31 -26.99
CA ALA I 43 -15.99 -11.20 -28.24
C ALA I 43 -17.27 -10.40 -28.07
N TYR I 44 -17.93 -10.52 -26.92
CA TYR I 44 -19.11 -9.69 -26.64
C TYR I 44 -18.77 -8.20 -26.64
N TYR I 45 -17.67 -7.82 -25.97
CA TYR I 45 -17.23 -6.43 -26.04
C TYR I 45 -16.79 -6.02 -27.45
N GLN I 46 -16.09 -6.91 -28.15
CA GLN I 46 -15.64 -6.62 -29.51
C GLN I 46 -16.79 -6.41 -30.48
N GLY I 47 -17.93 -7.08 -30.24
CA GLY I 47 -19.12 -6.89 -31.04
C GLY I 47 -18.90 -7.20 -32.52
N SER I 48 -19.47 -6.36 -33.38
CA SER I 48 -19.36 -6.53 -34.83
C SER I 48 -17.99 -6.16 -35.40
N ALA I 49 -17.06 -5.65 -34.59
CA ALA I 49 -15.78 -5.22 -35.13
C ALA I 49 -14.88 -6.39 -35.56
N ALA I 50 -15.06 -7.56 -34.96
CA ALA I 50 -14.35 -8.75 -35.41
C ALA I 50 -15.04 -10.03 -34.95
N LEU J 1 -36.55 10.01 19.53
CA LEU J 1 -35.97 9.97 18.20
C LEU J 1 -34.70 10.82 18.12
N ASN J 2 -34.49 11.67 19.13
CA ASN J 2 -33.34 12.56 19.18
C ASN J 2 -32.06 11.85 19.62
N LYS J 3 -32.11 10.53 19.77
CA LYS J 3 -30.94 9.73 20.13
C LYS J 3 -29.83 9.89 19.10
N VAL J 4 -28.60 10.10 19.58
CA VAL J 4 -27.41 10.20 18.74
C VAL J 4 -26.70 8.86 18.72
N TRP J 5 -26.64 8.26 17.53
CA TRP J 5 -26.06 6.94 17.31
C TRP J 5 -24.54 7.02 17.16
N PRO J 6 -23.85 5.88 17.15
CA PRO J 6 -22.37 5.91 17.16
C PRO J 6 -21.73 6.61 15.95
N SER J 7 -22.46 6.80 14.86
CA SER J 7 -21.92 7.63 13.78
C SER J 7 -21.86 9.11 14.13
N GLY J 8 -22.56 9.53 15.19
CA GLY J 8 -22.79 10.93 15.46
C GLY J 8 -24.06 11.51 14.88
N LEU J 9 -24.82 10.74 14.10
CA LEU J 9 -26.07 11.21 13.52
C LEU J 9 -27.26 10.76 14.35
N THR J 10 -28.35 11.52 14.26
CA THR J 10 -29.67 11.04 14.64
C THR J 10 -30.31 10.27 13.48
N VAL J 11 -31.40 9.56 13.80
CA VAL J 11 -32.18 8.84 12.79
C VAL J 11 -32.57 9.77 11.64
N ALA J 12 -33.06 10.97 11.99
CA ALA J 12 -33.52 11.90 10.97
C ALA J 12 -32.37 12.41 10.10
N GLU J 13 -31.22 12.70 10.71
CA GLU J 13 -30.06 13.12 9.94
C GLU J 13 -29.57 11.99 9.03
N ALA J 14 -29.56 10.76 9.52
CA ALA J 14 -29.12 9.63 8.71
C ALA J 14 -30.01 9.40 7.50
N GLU J 15 -31.32 9.53 7.67
CA GLU J 15 -32.23 9.46 6.52
C GLU J 15 -32.04 10.63 5.56
N GLU J 16 -31.79 11.83 6.09
CA GLU J 16 -31.52 12.96 5.21
C GLU J 16 -30.26 12.75 4.36
N VAL J 17 -29.20 12.26 4.97
CA VAL J 17 -27.99 11.91 4.23
C VAL J 17 -28.29 10.91 3.12
N HIS J 18 -28.95 9.80 3.48
CA HIS J 18 -29.16 8.72 2.51
C HIS J 18 -30.06 9.17 1.36
N LYS J 19 -31.06 10.01 1.64
CA LYS J 19 -31.92 10.52 0.58
C LYS J 19 -31.14 11.29 -0.47
N GLN J 20 -30.14 12.08 -0.06
CA GLN J 20 -29.28 12.75 -1.03
C GLN J 20 -28.43 11.75 -1.80
N LEU J 21 -27.99 10.67 -1.14
CA LEU J 21 -27.27 9.61 -1.84
C LEU J 21 -28.17 8.91 -2.85
N ILE J 22 -29.42 8.62 -2.48
CA ILE J 22 -30.38 8.04 -3.41
C ILE J 22 -30.59 8.96 -4.61
N LEU J 23 -30.82 10.24 -4.36
CA LEU J 23 -30.97 11.21 -5.46
C LEU J 23 -29.77 11.22 -6.38
N GLY J 24 -28.56 11.31 -5.81
CA GLY J 24 -27.37 11.32 -6.63
C GLY J 24 -27.21 10.04 -7.45
N THR J 25 -27.53 8.90 -6.86
CA THR J 25 -27.50 7.64 -7.59
C THR J 25 -28.44 7.64 -8.78
N ARG J 26 -29.66 8.18 -8.60
CA ARG J 26 -30.62 8.26 -9.70
C ARG J 26 -30.10 9.14 -10.83
N VAL J 27 -29.46 10.27 -10.49
CA VAL J 27 -28.85 11.11 -11.52
C VAL J 27 -27.76 10.36 -12.26
N PHE J 28 -26.83 9.74 -11.52
CA PHE J 28 -25.78 8.94 -12.14
C PHE J 28 -26.37 7.85 -13.03
N GLY J 29 -27.38 7.14 -12.52
CA GLY J 29 -27.99 6.07 -13.30
C GLY J 29 -28.69 6.56 -14.55
N GLY J 30 -29.40 7.69 -14.46
CA GLY J 30 -29.99 8.28 -15.65
C GLY J 30 -28.97 8.62 -16.72
N MET J 31 -27.88 9.28 -16.32
CA MET J 31 -26.79 9.57 -17.25
C MET J 31 -26.17 8.28 -17.80
N ALA J 32 -25.94 7.29 -16.93
CA ALA J 32 -25.36 6.03 -17.37
C ALA J 32 -26.26 5.30 -18.36
N LEU J 33 -27.57 5.34 -18.14
CA LEU J 33 -28.51 4.74 -19.08
C LEU J 33 -28.42 5.38 -20.46
N ILE J 34 -28.35 6.72 -20.51
CA ILE J 34 -28.16 7.42 -21.77
C ILE J 34 -26.84 7.03 -22.42
N ALA J 35 -25.75 6.98 -21.62
CA ALA J 35 -24.45 6.59 -22.14
C ALA J 35 -24.45 5.17 -22.72
N HIS J 36 -25.17 4.24 -22.10
CA HIS J 36 -25.27 2.89 -22.67
C HIS J 36 -26.01 2.88 -24.01
N PHE J 37 -27.11 3.64 -24.12
CA PHE J 37 -27.78 3.74 -25.42
C PHE J 37 -26.88 4.37 -26.49
N LEU J 38 -26.14 5.43 -26.14
CA LEU J 38 -25.15 5.99 -27.05
C LEU J 38 -24.07 4.97 -27.41
N ALA J 39 -23.54 4.25 -26.43
CA ALA J 39 -22.56 3.20 -26.69
C ALA J 39 -23.11 2.12 -27.61
N ALA J 40 -24.35 1.67 -27.37
CA ALA J 40 -24.97 0.68 -28.25
C ALA J 40 -25.18 1.23 -29.66
N ALA J 41 -25.57 2.49 -29.78
CA ALA J 41 -25.78 3.09 -31.10
C ALA J 41 -24.47 3.32 -31.86
N ALA J 42 -23.46 3.87 -31.17
CA ALA J 42 -22.27 4.36 -31.86
C ALA J 42 -21.09 3.39 -31.88
N THR J 43 -21.06 2.38 -31.03
CA THR J 43 -19.96 1.43 -31.02
C THR J 43 -20.37 0.07 -31.60
N PRO J 44 -19.40 -0.77 -31.97
CA PRO J 44 -19.72 -2.14 -32.42
C PRO J 44 -20.39 -3.02 -31.36
N TRP J 45 -20.36 -2.64 -30.09
CA TRP J 45 -21.07 -3.41 -29.06
C TRP J 45 -22.57 -3.50 -29.36
N LEU J 46 -23.11 -4.71 -29.22
CA LEU J 46 -24.45 -5.10 -29.65
C LEU J 46 -24.68 -4.95 -31.15
N GLY J 47 -23.62 -4.92 -31.95
CA GLY J 47 -23.75 -4.84 -33.40
C GLY J 47 -23.48 -3.49 -34.01
N LEU K 1 -30.07 27.94 12.55
CA LEU K 1 -29.24 27.56 11.41
C LEU K 1 -27.77 27.49 11.78
N ASN K 2 -27.45 27.91 13.01
CA ASN K 2 -26.07 27.93 13.48
C ASN K 2 -25.56 26.56 13.93
N LYS K 3 -26.38 25.51 13.79
CA LYS K 3 -25.98 24.16 14.15
C LYS K 3 -24.68 23.74 13.47
N VAL K 4 -23.80 23.12 14.25
CA VAL K 4 -22.53 22.61 13.75
C VAL K 4 -22.64 21.10 13.54
N TRP K 5 -22.48 20.66 12.30
CA TRP K 5 -22.65 19.28 11.89
C TRP K 5 -21.37 18.49 12.11
N PRO K 6 -21.41 17.16 11.97
CA PRO K 6 -20.23 16.34 12.31
C PRO K 6 -18.98 16.63 11.50
N SER K 7 -19.08 17.32 10.37
CA SER K 7 -17.86 17.76 9.70
C SER K 7 -17.17 18.91 10.42
N GLY K 8 -17.84 19.56 11.37
CA GLY K 8 -17.38 20.80 11.93
C GLY K 8 -17.88 22.05 11.25
N LEU K 9 -18.63 21.93 10.15
CA LEU K 9 -19.17 23.09 9.45
C LEU K 9 -20.62 23.34 9.83
N THR K 10 -21.04 24.59 9.65
CA THR K 10 -22.45 24.93 9.55
C THR K 10 -22.94 24.75 8.12
N VAL K 11 -24.27 24.75 7.98
CA VAL K 11 -24.90 24.71 6.65
C VAL K 11 -24.34 25.80 5.74
N ALA K 12 -24.25 27.02 6.25
CA ALA K 12 -23.76 28.14 5.44
C ALA K 12 -22.30 27.95 5.03
N GLU K 13 -21.46 27.48 5.95
CA GLU K 13 -20.07 27.21 5.61
C GLU K 13 -19.95 26.09 4.59
N ALA K 14 -20.74 25.03 4.74
CA ALA K 14 -20.71 23.93 3.78
C ALA K 14 -21.12 24.36 2.38
N GLU K 15 -22.15 25.21 2.28
CA GLU K 15 -22.52 25.77 0.98
C GLU K 15 -21.42 26.67 0.41
N GLU K 16 -20.78 27.46 1.27
CA GLU K 16 -19.67 28.31 0.80
C GLU K 16 -18.52 27.48 0.26
N VAL K 17 -18.14 26.41 0.96
CA VAL K 17 -17.11 25.48 0.46
C VAL K 17 -17.50 24.93 -0.90
N HIS K 18 -18.72 24.39 -1.01
CA HIS K 18 -19.12 23.71 -2.24
C HIS K 18 -19.19 24.67 -3.43
N LYS K 19 -19.64 25.90 -3.19
CA LYS K 19 -19.68 26.90 -4.26
C LYS K 19 -18.30 27.17 -4.85
N GLN K 20 -17.27 27.18 -4.02
CA GLN K 20 -15.91 27.31 -4.56
C GLN K 20 -15.50 26.08 -5.35
N LEU K 21 -15.94 24.90 -4.91
CA LEU K 21 -15.70 23.68 -5.67
C LEU K 21 -16.42 23.70 -7.00
N ILE K 22 -17.67 24.16 -7.02
CA ILE K 22 -18.41 24.32 -8.27
C ILE K 22 -17.68 25.28 -9.21
N LEU K 23 -17.28 26.44 -8.70
CA LEU K 23 -16.53 27.39 -9.51
C LEU K 23 -15.27 26.78 -10.08
N GLY K 24 -14.47 26.12 -9.24
CA GLY K 24 -13.26 25.48 -9.73
C GLY K 24 -13.53 24.42 -10.79
N THR K 25 -14.59 23.63 -10.60
CA THR K 25 -14.96 22.65 -11.61
C THR K 25 -15.29 23.30 -12.95
N ARG K 26 -16.03 24.41 -12.93
CA ARG K 26 -16.34 25.13 -14.17
C ARG K 26 -15.09 25.63 -14.87
N VAL K 27 -14.12 26.15 -14.11
CA VAL K 27 -12.85 26.57 -14.69
C VAL K 27 -12.12 25.39 -15.33
N PHE K 28 -11.99 24.29 -14.59
CA PHE K 28 -11.37 23.09 -15.13
C PHE K 28 -12.09 22.62 -16.40
N GLY K 29 -13.43 22.59 -16.35
CA GLY K 29 -14.19 22.14 -17.51
C GLY K 29 -14.03 23.05 -18.72
N GLY K 30 -14.02 24.36 -18.49
CA GLY K 30 -13.78 25.28 -19.60
C GLY K 30 -12.42 25.05 -20.26
N MET K 31 -11.38 24.89 -19.45
CA MET K 31 -10.06 24.57 -19.98
C MET K 31 -10.05 23.21 -20.68
N ALA K 32 -10.68 22.21 -20.09
CA ALA K 32 -10.74 20.88 -20.70
C ALA K 32 -11.49 20.91 -22.04
N LEU K 33 -12.58 21.66 -22.11
CA LEU K 33 -13.30 21.79 -23.37
C LEU K 33 -12.43 22.39 -24.47
N ILE K 34 -11.69 23.44 -24.14
CA ILE K 34 -10.73 24.02 -25.09
C ILE K 34 -9.68 22.99 -25.48
N ALA K 35 -9.11 22.28 -24.51
CA ALA K 35 -8.13 21.23 -24.80
C ALA K 35 -8.68 20.12 -25.70
N HIS K 36 -9.94 19.74 -25.53
CA HIS K 36 -10.53 18.74 -26.43
C HIS K 36 -10.66 19.27 -27.86
N PHE K 37 -11.10 20.52 -28.03
CA PHE K 37 -11.13 21.10 -29.38
C PHE K 37 -9.73 21.17 -30.00
N LEU K 38 -8.72 21.57 -29.23
CA LEU K 38 -7.34 21.52 -29.72
C LEU K 38 -6.92 20.10 -30.08
N ALA K 39 -7.21 19.13 -29.21
CA ALA K 39 -6.89 17.73 -29.49
C ALA K 39 -7.57 17.25 -30.77
N ALA K 40 -8.86 17.56 -30.94
CA ALA K 40 -9.56 17.21 -32.17
C ALA K 40 -8.96 17.87 -33.40
N ALA K 41 -8.57 19.15 -33.29
CA ALA K 41 -7.98 19.85 -34.43
C ALA K 41 -6.58 19.35 -34.74
N ALA K 42 -5.73 19.18 -33.73
CA ALA K 42 -4.31 18.93 -33.96
C ALA K 42 -3.93 17.45 -34.01
N THR K 43 -4.67 16.56 -33.37
CA THR K 43 -4.29 15.15 -33.37
C THR K 43 -5.12 14.34 -34.37
N PRO K 44 -4.67 13.13 -34.71
CA PRO K 44 -5.49 12.24 -35.56
C PRO K 44 -6.82 11.82 -34.96
N TRP K 45 -7.04 11.99 -33.66
CA TRP K 45 -8.35 11.70 -33.07
C TRP K 45 -9.46 12.50 -33.74
N LEU K 46 -10.56 11.81 -34.05
CA LEU K 46 -11.68 12.31 -34.87
C LEU K 46 -11.26 12.69 -36.29
N GLY K 47 -10.13 12.20 -36.77
CA GLY K 47 -9.70 12.46 -38.13
C GLY K 47 -8.59 13.46 -38.30
N LEU L 1 -13.25 39.04 11.87
CA LEU L 1 -12.39 38.36 10.90
C LEU L 1 -11.39 37.43 11.60
N ASN L 2 -11.35 37.49 12.92
CA ASN L 2 -10.43 36.68 13.70
C ASN L 2 -10.89 35.24 13.89
N LYS L 3 -12.03 34.86 13.30
CA LYS L 3 -12.55 33.50 13.38
C LYS L 3 -11.50 32.47 12.95
N VAL L 4 -11.40 31.40 13.72
CA VAL L 4 -10.50 30.28 13.42
C VAL L 4 -11.32 29.15 12.81
N TRP L 5 -11.00 28.80 11.56
CA TRP L 5 -11.71 27.80 10.78
C TRP L 5 -11.20 26.40 11.09
N PRO L 6 -11.88 25.35 10.60
CA PRO L 6 -11.52 23.98 11.00
C PRO L 6 -10.10 23.55 10.63
N SER L 7 -9.43 24.24 9.71
CA SER L 7 -8.02 23.95 9.48
C SER L 7 -7.13 24.43 10.61
N GLY L 8 -7.65 25.28 11.51
CA GLY L 8 -6.82 25.98 12.46
C GLY L 8 -6.32 27.34 12.02
N LEU L 9 -6.60 27.76 10.79
CA LEU L 9 -6.17 29.07 10.29
C LEU L 9 -7.32 30.08 10.38
N THR L 10 -6.93 31.35 10.45
CA THR L 10 -7.83 32.44 10.10
C THR L 10 -7.81 32.71 8.60
N VAL L 11 -8.79 33.49 8.15
CA VAL L 11 -8.87 33.93 6.76
C VAL L 11 -7.56 34.55 6.32
N ALA L 12 -7.01 35.47 7.13
CA ALA L 12 -5.78 36.15 6.76
C ALA L 12 -4.58 35.19 6.69
N GLU L 13 -4.49 34.25 7.63
CA GLU L 13 -3.44 33.25 7.56
C GLU L 13 -3.58 32.36 6.34
N ALA L 14 -4.80 31.95 6.02
CA ALA L 14 -5.03 31.09 4.85
C ALA L 14 -4.64 31.78 3.55
N GLU L 15 -4.96 33.06 3.41
CA GLU L 15 -4.50 33.82 2.24
C GLU L 15 -2.98 33.96 2.22
N GLU L 16 -2.36 34.21 3.38
CA GLU L 16 -0.90 34.30 3.44
C GLU L 16 -0.24 32.99 2.99
N VAL L 17 -0.75 31.86 3.46
CA VAL L 17 -0.25 30.55 2.99
C VAL L 17 -0.38 30.45 1.47
N HIS L 18 -1.58 30.70 0.94
CA HIS L 18 -1.82 30.49 -0.49
C HIS L 18 -0.97 31.41 -1.35
N LYS L 19 -0.75 32.65 -0.91
CA LYS L 19 0.09 33.57 -1.68
C LYS L 19 1.51 33.05 -1.83
N GLN L 20 2.04 32.38 -0.80
CA GLN L 20 3.35 31.75 -0.96
C GLN L 20 3.29 30.58 -1.92
N LEU L 21 2.19 29.83 -1.90
CA LEU L 21 1.99 28.75 -2.87
C LEU L 21 1.90 29.29 -4.30
N ILE L 22 1.17 30.40 -4.48
CA ILE L 22 1.09 31.05 -5.79
C ILE L 22 2.48 31.49 -6.25
N LEU L 23 3.23 32.15 -5.37
CA LEU L 23 4.60 32.56 -5.71
C LEU L 23 5.46 31.38 -6.11
N GLY L 24 5.45 30.31 -5.30
CA GLY L 24 6.24 29.14 -5.64
C GLY L 24 5.85 28.51 -6.96
N THR L 25 4.55 28.47 -7.25
CA THR L 25 4.08 27.96 -8.54
C THR L 25 4.61 28.79 -9.70
N ARG L 26 4.61 30.12 -9.56
CA ARG L 26 5.15 30.99 -10.61
C ARG L 26 6.63 30.74 -10.85
N VAL L 27 7.41 30.54 -9.78
CA VAL L 27 8.82 30.20 -9.93
C VAL L 27 8.98 28.87 -10.66
N PHE L 28 8.27 27.83 -10.20
CA PHE L 28 8.32 26.54 -10.88
C PHE L 28 7.92 26.67 -12.35
N GLY L 29 6.85 27.41 -12.63
CA GLY L 29 6.41 27.57 -14.00
C GLY L 29 7.41 28.31 -14.87
N GLY L 30 8.02 29.37 -14.33
CA GLY L 30 9.07 30.05 -15.07
C GLY L 30 10.23 29.15 -15.43
N MET L 31 10.70 28.35 -14.47
CA MET L 31 11.75 27.39 -14.74
C MET L 31 11.29 26.33 -15.75
N ALA L 32 10.07 25.82 -15.59
CA ALA L 32 9.55 24.82 -16.53
C ALA L 32 9.43 25.37 -17.94
N LEU L 33 9.00 26.62 -18.08
CA LEU L 33 8.92 27.25 -19.39
C LEU L 33 10.29 27.31 -20.06
N ILE L 34 11.31 27.72 -19.30
CA ILE L 34 12.68 27.71 -19.81
C ILE L 34 13.12 26.29 -20.19
N ALA L 35 12.83 25.31 -19.33
CA ALA L 35 13.15 23.92 -19.64
C ALA L 35 12.46 23.41 -20.91
N HIS L 36 11.21 23.83 -21.15
CA HIS L 36 10.54 23.42 -22.40
C HIS L 36 11.20 24.04 -23.63
N PHE L 37 11.59 25.31 -23.57
CA PHE L 37 12.34 25.90 -24.68
C PHE L 37 13.67 25.21 -24.91
N LEU L 38 14.40 24.89 -23.84
CA LEU L 38 15.61 24.07 -23.96
C LEU L 38 15.32 22.71 -24.58
N ALA L 39 14.29 22.03 -24.09
CA ALA L 39 13.90 20.73 -24.66
C ALA L 39 13.56 20.83 -26.14
N ALA L 40 12.79 21.85 -26.51
CA ALA L 40 12.46 22.06 -27.93
C ALA L 40 13.70 22.35 -28.76
N ALA L 41 14.63 23.16 -28.25
CA ALA L 41 15.85 23.47 -28.99
C ALA L 41 16.80 22.28 -29.08
N ALA L 42 17.01 21.56 -27.97
CA ALA L 42 18.07 20.57 -27.91
C ALA L 42 17.64 19.13 -28.22
N THR L 43 16.35 18.80 -28.09
CA THR L 43 15.91 17.44 -28.36
C THR L 43 15.18 17.35 -29.70
N PRO L 44 14.99 16.14 -30.22
CA PRO L 44 14.19 15.97 -31.45
C PRO L 44 12.71 16.33 -31.31
N TRP L 45 12.19 16.48 -30.10
CA TRP L 45 10.81 16.94 -29.93
C TRP L 45 10.59 18.30 -30.60
N LEU L 46 9.48 18.40 -31.34
CA LEU L 46 9.14 19.51 -32.23
C LEU L 46 10.15 19.72 -33.36
N GLY L 47 10.94 18.69 -33.68
CA GLY L 47 11.88 18.77 -34.79
C GLY L 47 13.33 18.99 -34.42
N LEU M 1 5.95 38.45 18.12
CA LEU M 1 6.59 37.48 17.24
C LEU M 1 6.64 36.09 17.87
N ASN M 2 6.25 36.00 19.14
CA ASN M 2 6.28 34.75 19.88
C ASN M 2 5.10 33.83 19.57
N LYS M 3 4.23 34.23 18.64
CA LYS M 3 3.08 33.42 18.24
C LYS M 3 3.50 32.01 17.81
N VAL M 4 2.75 31.02 18.29
CA VAL M 4 2.98 29.62 17.94
C VAL M 4 1.97 29.21 16.87
N TRP M 5 2.46 28.85 15.69
CA TRP M 5 1.66 28.51 14.53
C TRP M 5 1.22 27.04 14.58
N PRO M 6 0.31 26.63 13.68
CA PRO M 6 -0.25 25.26 13.80
C PRO M 6 0.76 24.13 13.68
N SER M 7 1.96 24.38 13.16
CA SER M 7 2.99 23.35 13.21
C SER M 7 3.54 23.14 14.60
N GLY M 8 3.29 24.06 15.53
CA GLY M 8 3.97 24.08 16.80
C GLY M 8 5.22 24.93 16.86
N LEU M 9 5.65 25.53 15.75
CA LEU M 9 6.82 26.38 15.73
C LEU M 9 6.43 27.85 15.78
N THR M 10 7.36 28.67 16.27
CA THR M 10 7.35 30.10 16.02
C THR M 10 8.01 30.42 14.68
N VAL M 11 7.80 31.66 14.23
CA VAL M 11 8.46 32.17 13.02
C VAL M 11 9.97 31.93 13.09
N ALA M 12 10.58 32.31 14.22
CA ALA M 12 12.03 32.18 14.36
C ALA M 12 12.48 30.72 14.30
N GLU M 13 11.74 29.82 14.96
CA GLU M 13 12.10 28.40 14.89
C GLU M 13 11.93 27.86 13.47
N ALA M 14 10.87 28.26 12.78
CA ALA M 14 10.63 27.79 11.41
C ALA M 14 11.74 28.24 10.46
N GLU M 15 12.21 29.49 10.59
CA GLU M 15 13.37 29.93 9.82
C GLU M 15 14.64 29.18 10.20
N GLU M 16 14.84 28.90 11.49
CA GLU M 16 16.00 28.12 11.90
C GLU M 16 16.00 26.73 11.29
N VAL M 17 14.85 26.05 11.30
CA VAL M 17 14.73 24.75 10.64
C VAL M 17 15.08 24.86 9.17
N HIS M 18 14.46 25.81 8.46
CA HIS M 18 14.64 25.89 7.00
C HIS M 18 16.07 26.23 6.62
N LYS M 19 16.74 27.08 7.40
CA LYS M 19 18.13 27.40 7.13
C LYS M 19 19.03 26.18 7.19
N GLN M 20 18.76 25.24 8.10
CA GLN M 20 19.51 24.00 8.09
C GLN M 20 19.18 23.16 6.86
N LEU M 21 17.91 23.14 6.46
CA LEU M 21 17.53 22.44 5.22
C LEU M 21 18.22 23.05 4.01
N ILE M 22 18.29 24.39 3.96
CA ILE M 22 19.02 25.06 2.88
C ILE M 22 20.49 24.67 2.88
N LEU M 23 21.12 24.70 4.05
CA LEU M 23 22.53 24.29 4.15
C LEU M 23 22.73 22.86 3.68
N GLY M 24 21.90 21.93 4.17
CA GLY M 24 22.02 20.54 3.73
C GLY M 24 21.84 20.38 2.23
N THR M 25 20.88 21.10 1.65
CA THR M 25 20.69 21.08 0.20
C THR M 25 21.94 21.53 -0.55
N ARG M 26 22.58 22.60 -0.07
CA ARG M 26 23.81 23.07 -0.70
C ARG M 26 24.92 22.03 -0.64
N VAL M 27 25.06 21.34 0.50
CA VAL M 27 26.03 20.25 0.60
C VAL M 27 25.71 19.14 -0.39
N PHE M 28 24.46 18.68 -0.40
CA PHE M 28 24.04 17.65 -1.35
C PHE M 28 24.31 18.10 -2.78
N GLY M 29 23.95 19.34 -3.11
CA GLY M 29 24.16 19.83 -4.47
C GLY M 29 25.62 19.94 -4.86
N GLY M 30 26.47 20.39 -3.93
CA GLY M 30 27.91 20.41 -4.20
C GLY M 30 28.46 19.04 -4.50
N MET M 31 28.08 18.04 -3.69
CA MET M 31 28.48 16.67 -3.96
C MET M 31 27.93 16.15 -5.27
N ALA M 32 26.64 16.43 -5.56
CA ALA M 32 26.04 16.00 -6.80
C ALA M 32 26.71 16.63 -8.02
N LEU M 33 27.07 17.91 -7.93
CA LEU M 33 27.79 18.57 -9.02
C LEU M 33 29.12 17.88 -9.30
N ILE M 34 29.88 17.56 -8.24
CA ILE M 34 31.12 16.81 -8.40
C ILE M 34 30.85 15.44 -9.02
N ALA M 35 29.83 14.73 -8.53
CA ALA M 35 29.46 13.44 -9.10
C ALA M 35 29.08 13.52 -10.58
N HIS M 36 28.40 14.59 -11.00
CA HIS M 36 28.10 14.73 -12.42
C HIS M 36 29.35 14.95 -13.27
N PHE M 37 30.29 15.77 -12.79
CA PHE M 37 31.56 15.91 -13.51
C PHE M 37 32.32 14.58 -13.60
N LEU M 38 32.37 13.82 -12.50
CA LEU M 38 32.94 12.47 -12.54
C LEU M 38 32.20 11.57 -13.54
N ALA M 39 30.87 11.58 -13.50
CA ALA M 39 30.08 10.81 -14.45
C ALA M 39 30.37 11.20 -15.89
N ALA M 40 30.43 12.51 -16.17
CA ALA M 40 30.77 12.98 -17.50
C ALA M 40 32.18 12.55 -17.92
N ALA M 41 33.14 12.62 -17.01
CA ALA M 41 34.51 12.22 -17.34
C ALA M 41 34.66 10.71 -17.50
N ALA M 42 34.09 9.92 -16.60
CA ALA M 42 34.37 8.50 -16.55
C ALA M 42 33.40 7.62 -17.32
N THR M 43 32.18 8.09 -17.58
CA THR M 43 31.21 7.26 -18.29
C THR M 43 31.05 7.71 -19.74
N PRO M 44 30.46 6.85 -20.59
CA PRO M 44 30.14 7.26 -21.97
C PRO M 44 29.14 8.40 -22.09
N TRP M 45 28.40 8.76 -21.03
CA TRP M 45 27.51 9.91 -21.09
C TRP M 45 28.27 11.19 -21.42
N LEU M 46 27.70 11.98 -22.34
CA LEU M 46 28.32 13.15 -22.97
C LEU M 46 29.60 12.81 -23.75
N GLY M 47 29.79 11.55 -24.13
CA GLY M 47 30.93 11.16 -24.93
C GLY M 47 32.05 10.46 -24.19
N LEU N 1 18.50 26.31 28.25
CA LEU N 1 18.78 25.14 27.40
C LEU N 1 17.81 24.01 27.69
N ASN N 2 16.96 24.19 28.70
CA ASN N 2 16.02 23.15 29.12
C ASN N 2 14.78 23.06 28.24
N LYS N 3 14.65 23.97 27.27
CA LYS N 3 13.53 24.00 26.35
C LYS N 3 13.29 22.63 25.72
N VAL N 4 12.05 22.16 25.78
CA VAL N 4 11.62 20.91 25.16
C VAL N 4 10.99 21.24 23.82
N TRP N 5 11.64 20.80 22.75
CA TRP N 5 11.20 21.06 21.38
C TRP N 5 10.09 20.10 20.97
N PRO N 6 9.39 20.40 19.86
CA PRO N 6 8.22 19.59 19.48
C PRO N 6 8.49 18.11 19.24
N SER N 7 9.74 17.68 19.09
CA SER N 7 10.00 16.24 19.09
C SER N 7 9.86 15.62 20.48
N GLY N 8 9.82 16.43 21.54
CA GLY N 8 9.94 15.94 22.89
C GLY N 8 11.33 15.91 23.46
N LEU N 9 12.36 16.25 22.67
CA LEU N 9 13.73 16.27 23.14
C LEU N 9 14.16 17.68 23.51
N THR N 10 15.15 17.76 24.40
CA THR N 10 15.97 18.95 24.53
C THR N 10 17.12 18.94 23.52
N VAL N 11 17.75 20.11 23.36
CA VAL N 11 18.94 20.24 22.52
C VAL N 11 19.98 19.17 22.88
N ALA N 12 20.28 19.05 24.17
CA ALA N 12 21.30 18.10 24.61
C ALA N 12 20.91 16.65 24.30
N GLU N 13 19.65 16.30 24.50
CA GLU N 13 19.20 14.96 24.15
C GLU N 13 19.27 14.72 22.64
N ALA N 14 18.89 15.71 21.84
CA ALA N 14 18.93 15.57 20.39
C ALA N 14 20.35 15.37 19.88
N GLU N 15 21.33 16.11 20.44
CA GLU N 15 22.72 15.86 20.10
C GLU N 15 23.19 14.48 20.55
N GLU N 16 22.76 14.04 21.73
CA GLU N 16 23.12 12.70 22.20
C GLU N 16 22.59 11.62 21.26
N VAL N 17 21.33 11.74 20.83
CA VAL N 17 20.78 10.80 19.84
C VAL N 17 21.63 10.80 18.57
N HIS N 18 21.88 11.97 18.01
CA HIS N 18 22.56 12.05 16.71
C HIS N 18 23.98 11.52 16.78
N LYS N 19 24.68 11.77 17.89
CA LYS N 19 26.03 11.23 18.06
C LYS N 19 26.07 9.71 17.99
N GLN N 20 25.05 9.04 18.54
CA GLN N 20 24.98 7.59 18.41
C GLN N 20 24.70 7.19 16.96
N LEU N 21 23.88 7.98 16.26
CA LEU N 21 23.65 7.74 14.84
C LEU N 21 24.92 7.93 14.02
N ILE N 22 25.68 8.97 14.32
CA ILE N 22 26.97 9.19 13.67
C ILE N 22 27.91 8.02 13.91
N LEU N 23 28.02 7.58 15.17
CA LEU N 23 28.86 6.43 15.50
C LEU N 23 28.43 5.19 14.72
N GLY N 24 27.13 4.88 14.74
CA GLY N 24 26.65 3.72 14.01
C GLY N 24 26.93 3.80 12.52
N THR N 25 26.77 4.98 11.93
CA THR N 25 27.09 5.17 10.52
C THR N 25 28.56 4.89 10.23
N ARG N 26 29.45 5.35 11.10
CA ARG N 26 30.87 5.08 10.92
C ARG N 26 31.19 3.59 10.97
N VAL N 27 30.55 2.86 11.88
CA VAL N 27 30.73 1.41 11.94
C VAL N 27 30.23 0.76 10.65
N PHE N 28 29.01 1.09 10.23
CA PHE N 28 28.48 0.57 8.97
C PHE N 28 29.40 0.90 7.81
N GLY N 29 29.87 2.14 7.74
CA GLY N 29 30.75 2.54 6.64
C GLY N 29 32.08 1.81 6.65
N GLY N 30 32.67 1.63 7.83
CA GLY N 30 33.89 0.84 7.92
C GLY N 30 33.71 -0.59 7.42
N MET N 31 32.63 -1.24 7.84
CA MET N 31 32.31 -2.57 7.33
C MET N 31 32.06 -2.56 5.83
N ALA N 32 31.30 -1.58 5.34
CA ALA N 32 31.03 -1.47 3.91
C ALA N 32 32.30 -1.25 3.09
N LEU N 33 33.22 -0.43 3.60
CA LEU N 33 34.49 -0.22 2.92
C LEU N 33 35.28 -1.52 2.79
N ILE N 34 35.34 -2.29 3.87
CA ILE N 34 35.97 -3.61 3.82
C ILE N 34 35.26 -4.51 2.82
N ALA N 35 33.93 -4.54 2.85
CA ALA N 35 33.16 -5.34 1.90
C ALA N 35 33.41 -4.94 0.44
N HIS N 36 33.58 -3.64 0.17
CA HIS N 36 33.91 -3.23 -1.20
C HIS N 36 35.29 -3.71 -1.64
N PHE N 37 36.29 -3.63 -0.76
CA PHE N 37 37.60 -4.19 -1.09
C PHE N 37 37.53 -5.70 -1.34
N LEU N 38 36.80 -6.44 -0.50
CA LEU N 38 36.58 -7.85 -0.75
C LEU N 38 35.86 -8.09 -2.07
N ALA N 39 34.81 -7.32 -2.36
CA ALA N 39 34.10 -7.44 -3.63
C ALA N 39 35.02 -7.15 -4.82
N ALA N 40 35.83 -6.11 -4.73
CA ALA N 40 36.79 -5.82 -5.79
C ALA N 40 37.82 -6.92 -5.96
N ALA N 41 38.30 -7.50 -4.85
CA ALA N 41 39.28 -8.58 -4.93
C ALA N 41 38.68 -9.88 -5.45
N ALA N 42 37.52 -10.27 -4.95
CA ALA N 42 36.98 -11.61 -5.22
C ALA N 42 36.01 -11.69 -6.38
N THR N 43 35.39 -10.59 -6.81
CA THR N 43 34.44 -10.63 -7.91
C THR N 43 35.04 -10.06 -9.19
N PRO N 44 34.42 -10.34 -10.35
CA PRO N 44 34.85 -9.71 -11.61
C PRO N 44 34.72 -8.19 -11.66
N TRP N 45 33.96 -7.58 -10.75
CA TRP N 45 33.88 -6.12 -10.70
C TRP N 45 35.26 -5.49 -10.51
N LEU N 46 35.53 -4.45 -11.32
CA LEU N 46 36.85 -3.82 -11.47
C LEU N 46 37.93 -4.77 -11.99
N GLY N 47 37.55 -5.88 -12.61
CA GLY N 47 38.52 -6.80 -13.18
C GLY N 47 38.76 -8.08 -12.41
N LEU O 1 18.72 8.37 36.76
CA LEU O 1 18.39 6.98 36.44
C LEU O 1 16.89 6.81 36.19
N ASN O 2 16.08 7.46 37.02
CA ASN O 2 14.64 7.27 37.01
C ASN O 2 13.93 8.03 35.90
N LYS O 3 14.66 8.87 35.15
CA LYS O 3 14.09 9.60 34.03
C LYS O 3 13.41 8.68 33.04
N VAL O 4 12.16 9.00 32.70
CA VAL O 4 11.40 8.28 31.69
C VAL O 4 11.53 9.03 30.37
N TRP O 5 12.17 8.39 29.40
CA TRP O 5 12.46 8.97 28.10
C TRP O 5 11.24 8.89 27.18
N PRO O 6 11.28 9.54 26.01
CA PRO O 6 10.07 9.61 25.16
C PRO O 6 9.54 8.27 24.68
N SER O 7 10.34 7.20 24.73
CA SER O 7 9.78 5.88 24.44
C SER O 7 8.88 5.37 25.54
N GLY O 8 8.91 5.98 26.73
CA GLY O 8 8.28 5.43 27.91
C GLY O 8 9.15 4.55 28.78
N LEU O 9 10.39 4.29 28.37
CA LEU O 9 11.31 3.47 29.16
C LEU O 9 12.28 4.33 29.95
N THR O 10 12.81 3.76 31.02
CA THR O 10 14.02 4.26 31.65
C THR O 10 15.26 3.68 30.98
N VAL O 11 16.42 4.26 31.32
CA VAL O 11 17.70 3.76 30.82
C VAL O 11 17.86 2.27 31.11
N ALA O 12 17.56 1.86 32.35
CA ALA O 12 17.73 0.46 32.73
C ALA O 12 16.76 -0.45 31.99
N GLU O 13 15.52 -0.01 31.79
CA GLU O 13 14.57 -0.80 31.01
C GLU O 13 15.02 -0.93 29.55
N ALA O 14 15.50 0.17 28.97
CA ALA O 14 15.97 0.13 27.58
C ALA O 14 17.15 -0.83 27.40
N GLU O 15 18.10 -0.83 28.34
CA GLU O 15 19.18 -1.80 28.29
C GLU O 15 18.69 -3.23 28.47
N GLU O 16 17.71 -3.44 29.36
CA GLU O 16 17.16 -4.78 29.52
C GLU O 16 16.49 -5.28 28.24
N VAL O 17 15.72 -4.42 27.57
CA VAL O 17 15.13 -4.78 26.28
C VAL O 17 16.22 -5.18 25.28
N HIS O 18 17.23 -4.31 25.12
CA HIS O 18 18.24 -4.53 24.09
C HIS O 18 19.06 -5.79 24.36
N LYS O 19 19.35 -6.07 25.62
CA LYS O 19 20.07 -7.29 25.97
C LYS O 19 19.33 -8.54 25.53
N GLN O 20 18.01 -8.56 25.63
CA GLN O 20 17.24 -9.69 25.10
C GLN O 20 17.30 -9.73 23.58
N LEU O 21 17.30 -8.57 22.93
CA LEU O 21 17.48 -8.52 21.48
C LEU O 21 18.84 -9.04 21.06
N ILE O 22 19.90 -8.65 21.80
CA ILE O 22 21.24 -9.16 21.53
C ILE O 22 21.28 -10.69 21.68
N LEU O 23 20.71 -11.20 22.77
CA LEU O 23 20.65 -12.64 22.98
C LEU O 23 19.92 -13.35 21.84
N GLY O 24 18.75 -12.84 21.46
CA GLY O 24 18.02 -13.46 20.37
C GLY O 24 18.78 -13.43 19.06
N THR O 25 19.47 -12.34 18.78
CA THR O 25 20.30 -12.24 17.58
C THR O 25 21.41 -13.30 17.58
N ARG O 26 22.05 -13.51 18.73
CA ARG O 26 23.08 -14.54 18.82
C ARG O 26 22.53 -15.94 18.56
N VAL O 27 21.34 -16.24 19.08
CA VAL O 27 20.70 -17.52 18.79
C VAL O 27 20.41 -17.65 17.29
N PHE O 28 19.79 -16.64 16.70
CA PHE O 28 19.53 -16.66 15.26
C PHE O 28 20.82 -16.83 14.47
N GLY O 29 21.87 -16.09 14.84
CA GLY O 29 23.13 -16.19 14.13
C GLY O 29 23.78 -17.56 14.27
N GLY O 30 23.74 -18.14 15.46
CA GLY O 30 24.25 -19.49 15.64
C GLY O 30 23.55 -20.50 14.76
N MET O 31 22.22 -20.45 14.72
CA MET O 31 21.45 -21.32 13.82
C MET O 31 21.77 -21.04 12.36
N ALA O 32 21.86 -19.77 11.98
CA ALA O 32 22.18 -19.42 10.60
C ALA O 32 23.56 -19.91 10.19
N LEU O 33 24.54 -19.80 11.09
CA LEU O 33 25.88 -20.30 10.80
C LEU O 33 25.86 -21.81 10.54
N ILE O 34 25.13 -22.57 11.35
CA ILE O 34 24.96 -23.99 11.12
C ILE O 34 24.27 -24.25 9.78
N ALA O 35 23.20 -23.50 9.49
CA ALA O 35 22.50 -23.63 8.21
C ALA O 35 23.41 -23.33 7.01
N HIS O 36 24.31 -22.36 7.13
CA HIS O 36 25.24 -22.09 6.03
C HIS O 36 26.23 -23.24 5.83
N PHE O 37 26.76 -23.82 6.91
CA PHE O 37 27.61 -25.00 6.75
C PHE O 37 26.86 -26.17 6.12
N LEU O 38 25.61 -26.40 6.54
CA LEU O 38 24.78 -27.41 5.88
C LEU O 38 24.55 -27.09 4.41
N ALA O 39 24.22 -25.83 4.10
CA ALA O 39 24.05 -25.41 2.70
C ALA O 39 25.31 -25.63 1.88
N ALA O 40 26.47 -25.25 2.44
CA ALA O 40 27.74 -25.49 1.75
C ALA O 40 28.02 -26.98 1.54
N ALA O 41 27.69 -27.81 2.53
CA ALA O 41 27.93 -29.24 2.41
C ALA O 41 26.95 -29.91 1.45
N ALA O 42 25.66 -29.59 1.54
CA ALA O 42 24.64 -30.34 0.82
C ALA O 42 24.23 -29.75 -0.52
N THR O 43 24.48 -28.47 -0.78
CA THR O 43 24.10 -27.87 -2.05
C THR O 43 25.30 -27.66 -2.97
N PRO O 44 25.06 -27.44 -4.27
CA PRO O 44 26.16 -27.07 -5.17
C PRO O 44 26.85 -25.76 -4.85
N TRP O 45 26.27 -24.90 -4.02
CA TRP O 45 26.96 -23.66 -3.63
C TRP O 45 28.30 -23.96 -2.96
N LEU O 46 29.33 -23.21 -3.37
CA LEU O 46 30.74 -23.45 -3.03
C LEU O 46 31.27 -24.81 -3.50
N GLY O 47 30.61 -25.44 -4.48
CA GLY O 47 31.08 -26.70 -5.03
C GLY O 47 30.34 -27.94 -4.57
N LEU P 1 6.18 -7.00 40.79
CA LEU P 1 5.15 -7.94 40.34
C LEU P 1 3.88 -7.20 39.96
N ASN P 2 3.66 -6.04 40.58
CA ASN P 2 2.50 -5.20 40.27
C ASN P 2 2.74 -4.29 39.08
N LYS P 3 4.01 -4.03 38.75
CA LYS P 3 4.39 -3.05 37.75
C LYS P 3 3.72 -3.33 36.39
N VAL P 4 3.04 -2.33 35.87
CA VAL P 4 2.41 -2.39 34.55
C VAL P 4 3.35 -1.75 33.54
N TRP P 5 3.86 -2.57 32.63
CA TRP P 5 4.82 -2.14 31.61
C TRP P 5 4.11 -1.45 30.45
N PRO P 6 4.87 -0.75 29.59
CA PRO P 6 4.23 0.05 28.52
C PRO P 6 3.36 -0.72 27.55
N SER P 7 3.42 -2.05 27.50
CA SER P 7 2.40 -2.78 26.74
C SER P 7 1.04 -2.76 27.41
N GLY P 8 0.97 -2.40 28.70
CA GLY P 8 -0.21 -2.59 29.49
C GLY P 8 -0.27 -3.88 30.28
N LEU P 9 0.72 -4.76 30.14
CA LEU P 9 0.75 -6.02 30.87
C LEU P 9 1.68 -5.95 32.07
N THR P 10 1.41 -6.79 33.06
CA THR P 10 2.40 -7.15 34.06
C THR P 10 3.29 -8.29 33.56
N VAL P 11 4.38 -8.52 34.30
CA VAL P 11 5.28 -9.63 34.00
C VAL P 11 4.53 -10.95 33.92
N ALA P 12 3.67 -11.20 34.91
CA ALA P 12 2.92 -12.46 34.96
C ALA P 12 1.96 -12.60 33.79
N GLU P 13 1.27 -11.52 33.43
CA GLU P 13 0.40 -11.56 32.25
C GLU P 13 1.19 -11.79 30.97
N ALA P 14 2.33 -11.12 30.83
CA ALA P 14 3.15 -11.31 29.64
C ALA P 14 3.65 -12.74 29.50
N GLU P 15 4.07 -13.36 30.61
CA GLU P 15 4.42 -14.78 30.58
C GLU P 15 3.24 -15.67 30.23
N GLU P 16 2.06 -15.36 30.78
CA GLU P 16 0.87 -16.16 30.46
C GLU P 16 0.52 -16.06 28.98
N VAL P 17 0.58 -14.87 28.40
CA VAL P 17 0.38 -14.72 26.96
C VAL P 17 1.36 -15.58 26.18
N HIS P 18 2.66 -15.45 26.47
CA HIS P 18 3.68 -16.14 25.69
C HIS P 18 3.57 -17.65 25.80
N LYS P 19 3.21 -18.14 26.98
CA LYS P 19 3.02 -19.59 27.17
C LYS P 19 1.95 -20.15 26.24
N GLN P 20 0.88 -19.39 26.01
CA GLN P 20 -0.12 -19.83 25.04
C GLN P 20 0.43 -19.77 23.62
N LEU P 21 1.27 -18.77 23.32
CA LEU P 21 1.93 -18.71 22.01
C LEU P 21 2.86 -19.89 21.82
N ILE P 22 3.62 -20.26 22.85
CA ILE P 22 4.48 -21.43 22.80
C ILE P 22 3.67 -22.69 22.55
N LEU P 23 2.59 -22.87 23.31
CA LEU P 23 1.71 -24.02 23.12
C LEU P 23 1.17 -24.09 21.70
N GLY P 24 0.64 -22.97 21.19
CA GLY P 24 0.13 -22.95 19.84
C GLY P 24 1.18 -23.28 18.80
N THR P 25 2.40 -22.76 18.98
CA THR P 25 3.50 -23.08 18.08
C THR P 25 3.80 -24.58 18.07
N ARG P 26 3.80 -25.21 19.24
CA ARG P 26 4.04 -26.65 19.31
C ARG P 26 2.96 -27.44 18.56
N VAL P 27 1.70 -27.02 18.69
CA VAL P 27 0.63 -27.67 17.94
C VAL P 27 0.84 -27.51 16.44
N PHE P 28 1.09 -26.27 15.99
CA PHE P 28 1.37 -26.02 14.58
C PHE P 28 2.57 -26.85 14.11
N GLY P 29 3.64 -26.87 14.89
CA GLY P 29 4.82 -27.63 14.50
C GLY P 29 4.58 -29.13 14.43
N GLY P 30 3.84 -29.68 15.39
CA GLY P 30 3.47 -31.08 15.32
C GLY P 30 2.69 -31.43 14.06
N MET P 31 1.70 -30.61 13.72
CA MET P 31 0.95 -30.79 12.48
C MET P 31 1.86 -30.64 11.25
N ALA P 32 2.73 -29.62 11.26
CA ALA P 32 3.63 -29.40 10.13
C ALA P 32 4.60 -30.57 9.95
N LEU P 33 5.11 -31.12 11.06
CA LEU P 33 5.99 -32.28 10.97
C LEU P 33 5.28 -33.47 10.32
N ILE P 34 4.03 -33.74 10.73
CA ILE P 34 3.22 -34.77 10.09
C ILE P 34 3.01 -34.47 8.61
N ALA P 35 2.67 -33.22 8.28
CA ALA P 35 2.50 -32.81 6.88
C ALA P 35 3.76 -33.01 6.05
N HIS P 36 4.95 -32.74 6.62
CA HIS P 36 6.19 -32.98 5.88
C HIS P 36 6.42 -34.46 5.62
N PHE P 37 6.17 -35.33 6.61
CA PHE P 37 6.27 -36.77 6.36
C PHE P 37 5.29 -37.23 5.28
N LEU P 38 4.04 -36.76 5.33
CA LEU P 38 3.08 -37.05 4.26
C LEU P 38 3.57 -36.54 2.92
N ALA P 39 4.08 -35.31 2.87
CA ALA P 39 4.62 -34.75 1.62
C ALA P 39 5.79 -35.58 1.09
N ALA P 40 6.71 -35.98 1.97
CA ALA P 40 7.81 -36.85 1.55
C ALA P 40 7.33 -38.20 1.05
N ALA P 41 6.31 -38.78 1.70
CA ALA P 41 5.79 -40.07 1.28
C ALA P 41 5.01 -39.98 -0.03
N ALA P 42 4.13 -38.98 -0.16
CA ALA P 42 3.19 -38.95 -1.28
C ALA P 42 3.66 -38.15 -2.49
N THR P 43 4.58 -37.19 -2.32
CA THR P 43 5.01 -36.38 -3.45
C THR P 43 6.38 -36.83 -3.97
N PRO P 44 6.76 -36.41 -5.17
CA PRO P 44 8.11 -36.70 -5.67
C PRO P 44 9.24 -36.06 -4.87
N TRP P 45 8.96 -35.07 -4.03
CA TRP P 45 10.00 -34.50 -3.17
C TRP P 45 10.66 -35.56 -2.30
N LEU P 46 12.00 -35.53 -2.25
CA LEU P 46 12.86 -36.56 -1.66
C LEU P 46 12.71 -37.93 -2.32
N GLY P 47 12.20 -37.99 -3.53
CA GLY P 47 12.09 -39.25 -4.25
C GLY P 47 10.72 -39.87 -4.31
N LEU Q 1 -12.29 -12.34 38.64
CA LEU Q 1 -12.76 -12.74 37.32
C LEU Q 1 -13.45 -11.58 36.60
N ASN Q 2 -13.73 -10.51 37.34
CA ASN Q 2 -14.33 -9.30 36.76
C ASN Q 2 -13.30 -8.40 36.09
N LYS Q 3 -12.02 -8.72 36.22
CA LYS Q 3 -10.93 -7.97 35.60
C LYS Q 3 -11.19 -7.71 34.12
N VAL Q 4 -11.00 -6.47 33.70
CA VAL Q 4 -11.09 -6.07 32.30
C VAL Q 4 -9.68 -6.01 31.74
N TRP Q 5 -9.40 -6.88 30.79
CA TRP Q 5 -8.08 -7.04 30.17
C TRP Q 5 -7.86 -5.98 29.10
N PRO Q 6 -6.62 -5.85 28.58
CA PRO Q 6 -6.32 -4.75 27.66
C PRO Q 6 -7.14 -4.73 26.37
N SER Q 7 -7.77 -5.84 25.99
CA SER Q 7 -8.70 -5.79 24.86
C SER Q 7 -9.98 -5.04 25.20
N GLY Q 8 -10.26 -4.82 26.49
CA GLY Q 8 -11.54 -4.34 26.93
C GLY Q 8 -12.55 -5.41 27.31
N LEU Q 9 -12.21 -6.68 27.16
CA LEU Q 9 -13.10 -7.77 27.52
C LEU Q 9 -12.75 -8.33 28.90
N THR Q 10 -13.73 -8.97 29.53
CA THR Q 10 -13.48 -9.91 30.60
C THR Q 10 -13.19 -11.30 30.05
N VAL Q 11 -12.68 -12.16 30.94
CA VAL Q 11 -12.47 -13.57 30.61
C VAL Q 11 -13.72 -14.20 30.03
N ALA Q 12 -14.87 -14.00 30.68
CA ALA Q 12 -16.11 -14.60 30.23
C ALA Q 12 -16.55 -14.05 28.87
N GLU Q 13 -16.38 -12.74 28.64
CA GLU Q 13 -16.69 -12.17 27.35
C GLU Q 13 -15.78 -12.72 26.26
N ALA Q 14 -14.49 -12.85 26.56
CA ALA Q 14 -13.53 -13.37 25.58
C ALA Q 14 -13.85 -14.81 25.20
N GLU Q 15 -14.23 -15.65 26.16
CA GLU Q 15 -14.68 -17.00 25.83
C GLU Q 15 -15.96 -17.00 25.02
N GLU Q 16 -16.91 -16.11 25.34
CA GLU Q 16 -18.14 -16.02 24.56
C GLU Q 16 -17.86 -15.64 23.11
N VAL Q 17 -16.97 -14.67 22.88
CA VAL Q 17 -16.56 -14.32 21.53
C VAL Q 17 -15.98 -15.53 20.81
N HIS Q 18 -15.00 -16.18 21.42
CA HIS Q 18 -14.29 -17.27 20.74
C HIS Q 18 -15.20 -18.46 20.44
N LYS Q 19 -16.13 -18.76 21.34
CA LYS Q 19 -17.09 -19.84 21.09
C LYS Q 19 -17.92 -19.58 19.83
N GLN Q 20 -18.30 -18.33 19.57
CA GLN Q 20 -18.97 -18.03 18.32
C GLN Q 20 -18.04 -18.17 17.12
N LEU Q 21 -16.76 -17.82 17.30
CA LEU Q 21 -15.77 -18.06 16.24
C LEU Q 21 -15.59 -19.55 15.96
N ILE Q 22 -15.52 -20.35 17.03
CA ILE Q 22 -15.43 -21.80 16.87
C ILE Q 22 -16.64 -22.35 16.13
N LEU Q 23 -17.85 -21.93 16.53
CA LEU Q 23 -19.06 -22.36 15.84
C LEU Q 23 -19.04 -21.99 14.37
N GLY Q 24 -18.70 -20.73 14.07
CA GLY Q 24 -18.64 -20.31 12.68
C GLY Q 24 -17.62 -21.10 11.87
N THR Q 25 -16.47 -21.39 12.47
CA THR Q 25 -15.46 -22.21 11.80
C THR Q 25 -15.98 -23.60 11.46
N ARG Q 26 -16.71 -24.21 12.40
CA ARG Q 26 -17.29 -25.54 12.15
C ARG Q 26 -18.29 -25.50 11.00
N VAL Q 27 -19.13 -24.46 10.93
CA VAL Q 27 -20.04 -24.31 9.81
C VAL Q 27 -19.27 -24.18 8.49
N PHE Q 28 -18.29 -23.27 8.45
CA PHE Q 28 -17.47 -23.12 7.25
C PHE Q 28 -16.80 -24.44 6.88
N GLY Q 29 -16.23 -25.15 7.85
CA GLY Q 29 -15.58 -26.41 7.57
C GLY Q 29 -16.52 -27.48 7.05
N GLY Q 30 -17.71 -27.58 7.63
CA GLY Q 30 -18.70 -28.51 7.13
C GLY Q 30 -19.07 -28.25 5.68
N MET Q 31 -19.31 -26.97 5.34
CA MET Q 31 -19.57 -26.59 3.96
C MET Q 31 -18.38 -26.87 3.05
N ALA Q 32 -17.17 -26.54 3.52
CA ALA Q 32 -15.96 -26.79 2.72
C ALA Q 32 -15.75 -28.27 2.48
N LEU Q 33 -16.01 -29.11 3.48
CA LEU Q 33 -15.90 -30.56 3.31
C LEU Q 33 -16.86 -31.06 2.23
N ILE Q 34 -18.10 -30.59 2.25
CA ILE Q 34 -19.06 -30.92 1.20
C ILE Q 34 -18.57 -30.44 -0.17
N ALA Q 35 -18.07 -29.19 -0.24
CA ALA Q 35 -17.52 -28.68 -1.48
C ALA Q 35 -16.34 -29.49 -2.01
N HIS Q 36 -15.48 -30.00 -1.12
CA HIS Q 36 -14.38 -30.85 -1.57
C HIS Q 36 -14.88 -32.18 -2.14
N PHE Q 37 -15.87 -32.81 -1.51
CA PHE Q 37 -16.45 -34.02 -2.09
C PHE Q 37 -17.09 -33.74 -3.45
N LEU Q 38 -17.82 -32.62 -3.58
CA LEU Q 38 -18.33 -32.21 -4.88
C LEU Q 38 -17.20 -31.98 -5.89
N ALA Q 39 -16.15 -31.27 -5.48
CA ALA Q 39 -15.01 -31.06 -6.37
C ALA Q 39 -14.36 -32.37 -6.80
N ALA Q 40 -14.17 -33.30 -5.86
CA ALA Q 40 -13.61 -34.60 -6.21
C ALA Q 40 -14.52 -35.38 -7.15
N ALA Q 41 -15.83 -35.34 -6.92
CA ALA Q 41 -16.77 -36.06 -7.78
C ALA Q 41 -16.90 -35.42 -9.17
N ALA Q 42 -17.03 -34.10 -9.22
CA ALA Q 42 -17.36 -33.43 -10.47
C ALA Q 42 -16.16 -32.98 -11.30
N THR Q 43 -15.02 -32.67 -10.67
CA THR Q 43 -13.88 -32.18 -11.44
C THR Q 43 -12.89 -33.30 -11.74
N PRO Q 44 -11.96 -33.08 -12.68
CA PRO Q 44 -10.87 -34.05 -12.90
C PRO Q 44 -9.91 -34.24 -11.73
N TRP Q 45 -9.92 -33.36 -10.74
CA TRP Q 45 -9.10 -33.56 -9.54
C TRP Q 45 -9.43 -34.88 -8.85
N LEU Q 46 -8.39 -35.62 -8.47
CA LEU Q 46 -8.45 -37.00 -7.98
C LEU Q 46 -9.04 -37.98 -8.98
N GLY Q 47 -9.04 -37.64 -10.27
CA GLY Q 47 -9.51 -38.54 -11.30
C GLY Q 47 -10.90 -38.27 -11.85
N LEU R 1 -29.32 -6.09 29.91
CA LEU R 1 -29.63 -5.91 28.49
C LEU R 1 -29.17 -4.55 27.97
N ASN R 2 -29.15 -3.54 28.84
CA ASN R 2 -28.76 -2.19 28.43
C ASN R 2 -27.24 -1.98 28.43
N LYS R 3 -26.47 -3.03 28.75
CA LYS R 3 -25.02 -2.98 28.69
C LYS R 3 -24.53 -2.52 27.32
N VAL R 4 -23.55 -1.62 27.32
CA VAL R 4 -22.90 -1.13 26.11
C VAL R 4 -21.57 -1.87 25.93
N TRP R 5 -21.47 -2.63 24.86
CA TRP R 5 -20.31 -3.46 24.55
C TRP R 5 -19.21 -2.64 23.88
N PRO R 6 -18.00 -3.21 23.72
CA PRO R 6 -16.87 -2.40 23.21
C PRO R 6 -17.06 -1.83 21.82
N SER R 7 -17.99 -2.34 21.02
CA SER R 7 -18.30 -1.67 19.76
C SER R 7 -19.03 -0.35 19.96
N GLY R 8 -19.56 -0.11 21.16
CA GLY R 8 -20.48 0.99 21.38
C GLY R 8 -21.95 0.67 21.22
N LEU R 9 -22.30 -0.56 20.83
CA LEU R 9 -23.69 -0.96 20.69
C LEU R 9 -24.17 -1.73 21.91
N THR R 10 -25.48 -1.73 22.11
CA THR R 10 -26.14 -2.73 22.93
C THR R 10 -26.46 -3.99 22.11
N VAL R 11 -26.80 -5.06 22.84
CA VAL R 11 -27.24 -6.30 22.22
C VAL R 11 -28.36 -6.04 21.21
N ALA R 12 -29.37 -5.27 21.62
CA ALA R 12 -30.52 -5.01 20.75
C ALA R 12 -30.12 -4.21 19.51
N GLU R 13 -29.24 -3.22 19.66
CA GLU R 13 -28.77 -2.47 18.49
C GLU R 13 -27.94 -3.35 17.57
N ALA R 14 -27.09 -4.20 18.13
CA ALA R 14 -26.29 -5.11 17.31
C ALA R 14 -27.15 -6.07 16.51
N GLU R 15 -28.22 -6.61 17.11
CA GLU R 15 -29.17 -7.43 16.36
C GLU R 15 -29.90 -6.63 15.29
N GLU R 16 -30.28 -5.38 15.59
CA GLU R 16 -30.93 -4.56 14.58
C GLU R 16 -30.01 -4.29 13.39
N VAL R 17 -28.74 -3.98 13.64
CA VAL R 17 -27.77 -3.82 12.56
C VAL R 17 -27.69 -5.08 11.70
N HIS R 18 -27.50 -6.23 12.35
CA HIS R 18 -27.30 -7.48 11.62
C HIS R 18 -28.52 -7.88 10.80
N LYS R 19 -29.72 -7.64 11.32
CA LYS R 19 -30.93 -7.92 10.54
C LYS R 19 -30.96 -7.14 9.23
N GLN R 20 -30.54 -5.88 9.24
CA GLN R 20 -30.47 -5.14 7.98
C GLN R 20 -29.42 -5.73 7.05
N LEU R 21 -28.30 -6.21 7.60
CA LEU R 21 -27.29 -6.88 6.78
C LEU R 21 -27.84 -8.18 6.20
N ILE R 22 -28.55 -8.96 7.00
CA ILE R 22 -29.19 -10.18 6.50
C ILE R 22 -30.18 -9.86 5.39
N LEU R 23 -31.04 -8.86 5.61
CA LEU R 23 -31.98 -8.46 4.56
C LEU R 23 -31.26 -8.05 3.28
N GLY R 24 -30.24 -7.20 3.40
CA GLY R 24 -29.50 -6.78 2.21
C GLY R 24 -28.84 -7.95 1.50
N THR R 25 -28.28 -8.89 2.25
CA THR R 25 -27.69 -10.09 1.66
C THR R 25 -28.71 -10.90 0.87
N ARG R 26 -29.92 -11.05 1.41
CA ARG R 26 -30.97 -11.76 0.70
C ARG R 26 -31.35 -11.07 -0.61
N VAL R 27 -31.42 -9.74 -0.61
CA VAL R 27 -31.67 -9.00 -1.83
C VAL R 27 -30.55 -9.24 -2.84
N PHE R 28 -29.30 -9.09 -2.41
CA PHE R 28 -28.16 -9.33 -3.30
C PHE R 28 -28.19 -10.74 -3.86
N GLY R 29 -28.45 -11.73 -3.00
CA GLY R 29 -28.52 -13.12 -3.46
C GLY R 29 -29.65 -13.39 -4.42
N GLY R 30 -30.82 -12.81 -4.18
CA GLY R 30 -31.91 -12.94 -5.13
C GLY R 30 -31.56 -12.40 -6.50
N MET R 31 -31.00 -11.19 -6.55
CA MET R 31 -30.52 -10.63 -7.80
C MET R 31 -29.43 -11.49 -8.43
N ALA R 32 -28.47 -11.95 -7.62
CA ALA R 32 -27.39 -12.79 -8.14
C ALA R 32 -27.91 -14.12 -8.70
N LEU R 33 -28.89 -14.72 -8.03
CA LEU R 33 -29.50 -15.94 -8.55
C LEU R 33 -30.15 -15.72 -9.92
N ILE R 34 -30.88 -14.61 -10.07
CA ILE R 34 -31.44 -14.25 -11.37
C ILE R 34 -30.33 -14.04 -12.40
N ALA R 35 -29.28 -13.31 -12.03
CA ALA R 35 -28.15 -13.10 -12.94
C ALA R 35 -27.47 -14.40 -13.36
N HIS R 36 -27.35 -15.37 -12.45
CA HIS R 36 -26.79 -16.67 -12.85
C HIS R 36 -27.67 -17.41 -13.84
N PHE R 37 -28.99 -17.41 -13.64
CA PHE R 37 -29.89 -18.01 -14.63
C PHE R 37 -29.79 -17.31 -15.99
N LEU R 38 -29.73 -15.97 -15.99
CA LEU R 38 -29.49 -15.24 -17.24
C LEU R 38 -28.15 -15.61 -17.86
N ALA R 39 -27.09 -15.67 -17.06
CA ALA R 39 -25.78 -16.08 -17.55
C ALA R 39 -25.81 -17.49 -18.14
N ALA R 40 -26.46 -18.42 -17.45
CA ALA R 40 -26.59 -19.78 -17.99
C ALA R 40 -27.39 -19.81 -19.28
N ALA R 41 -28.46 -19.02 -19.37
CA ALA R 41 -29.28 -19.00 -20.58
C ALA R 41 -28.57 -18.33 -21.76
N ALA R 42 -27.93 -17.18 -21.52
CA ALA R 42 -27.44 -16.37 -22.63
C ALA R 42 -25.96 -16.55 -22.96
N THR R 43 -25.15 -17.08 -22.06
CA THR R 43 -23.73 -17.28 -22.35
C THR R 43 -23.43 -18.73 -22.66
N PRO R 44 -22.27 -19.02 -23.26
CA PRO R 44 -21.84 -20.41 -23.46
C PRO R 44 -21.62 -21.20 -22.18
N TRP R 45 -21.49 -20.56 -21.03
CA TRP R 45 -21.38 -21.29 -19.77
C TRP R 45 -22.56 -22.22 -19.54
N LEU R 46 -22.25 -23.46 -19.13
CA LEU R 46 -23.18 -24.59 -19.05
C LEU R 46 -23.81 -24.96 -20.39
N GLY R 47 -23.18 -24.59 -21.50
CA GLY R 47 -23.67 -24.95 -22.81
C GLY R 47 -24.40 -23.87 -23.58
#